data_1LAE
# 
_entry.id   1LAE 
# 
_audit_conform.dict_name       mmcif_pdbx.dic 
_audit_conform.dict_version    5.392 
_audit_conform.dict_location   http://mmcif.pdb.org/dictionaries/ascii/mmcif_pdbx.dic 
# 
loop_
_database_2.database_id 
_database_2.database_code 
_database_2.pdbx_database_accession 
_database_2.pdbx_DOI 
PDB   1LAE         pdb_00001lae 10.2210/pdb1lae/pdb 
RCSB  RCSB015792   ?            ?                   
WWPDB D_1000015792 ?            ?                   
# 
loop_
_pdbx_audit_revision_history.ordinal 
_pdbx_audit_revision_history.data_content_type 
_pdbx_audit_revision_history.major_revision 
_pdbx_audit_revision_history.minor_revision 
_pdbx_audit_revision_history.revision_date 
1 'Structure model' 1 0 2002-04-17 
2 'Structure model' 1 1 2008-04-28 
3 'Structure model' 1 2 2011-07-13 
4 'Structure model' 2 0 2022-02-23 
5 'Structure model' 2 1 2024-05-22 
# 
_pdbx_audit_revision_details.ordinal             1 
_pdbx_audit_revision_details.revision_ordinal    1 
_pdbx_audit_revision_details.data_content_type   'Structure model' 
_pdbx_audit_revision_details.provider            repository 
_pdbx_audit_revision_details.type                'Initial release' 
_pdbx_audit_revision_details.description         ? 
_pdbx_audit_revision_details.details             ? 
# 
loop_
_pdbx_audit_revision_group.ordinal 
_pdbx_audit_revision_group.revision_ordinal 
_pdbx_audit_revision_group.data_content_type 
_pdbx_audit_revision_group.group 
1 2 'Structure model' 'Version format compliance' 
2 3 'Structure model' 'Version format compliance' 
3 4 'Structure model' 'Data collection'           
4 4 'Structure model' 'Database references'       
5 4 'Structure model' 'Derived calculations'      
6 4 'Structure model' 'Polymer sequence'          
7 5 'Structure model' 'Data collection'           
# 
loop_
_pdbx_audit_revision_category.ordinal 
_pdbx_audit_revision_category.revision_ordinal 
_pdbx_audit_revision_category.data_content_type 
_pdbx_audit_revision_category.category 
1 4 'Structure model' database_2            
2 4 'Structure model' entity_poly           
3 4 'Structure model' pdbx_nmr_software     
4 4 'Structure model' pdbx_struct_assembly  
5 4 'Structure model' pdbx_struct_oper_list 
6 4 'Structure model' struct_conn           
7 5 'Structure model' chem_comp_atom        
8 5 'Structure model' chem_comp_bond        
# 
loop_
_pdbx_audit_revision_item.ordinal 
_pdbx_audit_revision_item.revision_ordinal 
_pdbx_audit_revision_item.data_content_type 
_pdbx_audit_revision_item.item 
1 4 'Structure model' '_database_2.pdbx_DOI'                      
2 4 'Structure model' '_database_2.pdbx_database_accession'       
3 4 'Structure model' '_entity_poly.pdbx_seq_one_letter_code'     
4 4 'Structure model' '_entity_poly.pdbx_seq_one_letter_code_can' 
5 4 'Structure model' '_pdbx_nmr_software.name'                   
6 4 'Structure model' '_struct_conn.pdbx_leaving_atom_flag'       
# 
_pdbx_database_status.status_code                     REL 
_pdbx_database_status.entry_id                        1LAE 
_pdbx_database_status.recvd_initial_deposition_date   2002-03-28 
_pdbx_database_status.deposit_site                    RCSB 
_pdbx_database_status.process_site                    RCSB 
_pdbx_database_status.status_code_mr                  REL 
_pdbx_database_status.SG_entry                        . 
_pdbx_database_status.pdb_format_compatible           Y 
_pdbx_database_status.status_code_sf                  ? 
_pdbx_database_status.status_code_cs                  ? 
_pdbx_database_status.status_code_nmr_data            ? 
_pdbx_database_status.methods_development_category    ? 
# 
loop_
_pdbx_database_related.db_name 
_pdbx_database_related.db_id 
_pdbx_database_related.details 
_pdbx_database_related.content_type 
PDB 1LA8 '1la8 is the Solution Structure of the DNA 13-mer hairpin CGCGGTGTCCGCG.' unspecified 
PDB 1lai '1lai is the Solution structure of the B-DNA duplex CGCGGTGTCCGCG.' unspecified 
PDB 1laq 
;1laq is the Solution structure of the B-DNA duplex CGCGGTXTCCGCG (X=PdG) 
containing the 1,N2-propanogeoxyguanosine adduct with the deoxyribose at C20 
opposite PdG in the C2' endo conformation.
;
unspecified 
PDB 1LAS 
;1LAS IS THE Solution structure of the B-DNA duplex CGCGGTXTCCGCG (X=PdG) 
containing the 1,N2-propanogeoxyguanosine adduct with the deoxyribose at C20 
opposite PdG in the C3' endo conformation.
;
unspecified 
# 
loop_
_audit_author.name 
_audit_author.pdbx_ordinal 
'Weisenseel, J.P.' 1 
'Reddy, G.R.'      2 
'Marnett, L.J.'    3 
'Stone, M.P.'      4 
# 
_citation.id                        primary 
_citation.title                     
;Structure of the 1,N(2)-propanodeoxyguanosine adduct in a three-base DNA hairpin loop derived from a palindrome in the Salmonella typhimurium hisD3052 gene.
;
_citation.journal_abbrev            Chem.Res.Toxicol. 
_citation.journal_volume            15 
_citation.page_first                140 
_citation.page_last                 152 
_citation.year                      2002 
_citation.journal_id_ASTM           CRTOEC 
_citation.country                   US 
_citation.journal_id_ISSN           0893-228X 
_citation.journal_id_CSD            2140 
_citation.book_publisher            ? 
_citation.pdbx_database_id_PubMed   11849039 
_citation.pdbx_database_id_DOI      10.1021/tx010107f 
# 
loop_
_citation_author.citation_id 
_citation_author.name 
_citation_author.ordinal 
_citation_author.identifier_ORCID 
primary 'Weisenseel, J.P.' 1 ? 
primary 'Reddy, G.R.'      2 ? 
primary 'Marnett, L.J.'    3 ? 
primary 'Stone, M.P.'      4 ? 
# 
_entity.id                         1 
_entity.type                       polymer 
_entity.src_method                 syn 
_entity.pdbx_description           "5'-D(*CP*GP*CP*GP*GP*TP*(P)P*TP*CP*CP*GP*CP*G)-3'" 
_entity.formula_weight             4024.636 
_entity.pdbx_number_of_molecules   1 
_entity.pdbx_ec                    ? 
_entity.pdbx_mutation              ? 
_entity.pdbx_fragment              ? 
_entity.details                    ? 
# 
_entity_poly.entity_id                      1 
_entity_poly.type                           polydeoxyribonucleotide 
_entity_poly.nstd_linkage                   no 
_entity_poly.nstd_monomer                   yes 
_entity_poly.pdbx_seq_one_letter_code       '(DC)(DG)(DC)(DG)(DG)(DT)(P)(DT)(DC)(DC)(DG)(DC)(DG)' 
_entity_poly.pdbx_seq_one_letter_code_can   CGCGGTGTCCGCG 
_entity_poly.pdbx_strand_id                 A 
_entity_poly.pdbx_target_identifier         ? 
# 
loop_
_entity_poly_seq.entity_id 
_entity_poly_seq.num 
_entity_poly_seq.mon_id 
_entity_poly_seq.hetero 
1 1  DC n 
1 2  DG n 
1 3  DC n 
1 4  DG n 
1 5  DG n 
1 6  DT n 
1 7  P  n 
1 8  DT n 
1 9  DC n 
1 10 DC n 
1 11 DG n 
1 12 DC n 
1 13 DG n 
# 
_pdbx_entity_src_syn.entity_id              1 
_pdbx_entity_src_syn.pdbx_src_id            1 
_pdbx_entity_src_syn.pdbx_alt_source_flag   sample 
_pdbx_entity_src_syn.pdbx_beg_seq_num       ? 
_pdbx_entity_src_syn.pdbx_end_seq_num       ? 
_pdbx_entity_src_syn.organism_scientific    ? 
_pdbx_entity_src_syn.organism_common_name   ? 
_pdbx_entity_src_syn.ncbi_taxonomy_id       ? 
_pdbx_entity_src_syn.details                
'This Synthetic DNA sequence was derived from the hisD3052 gene of Salmonella typhimurium.' 
# 
loop_
_chem_comp.id 
_chem_comp.type 
_chem_comp.mon_nstd_flag 
_chem_comp.name 
_chem_comp.pdbx_synonyms 
_chem_comp.formula 
_chem_comp.formula_weight 
DC 'DNA linking' y "2'-DEOXYCYTIDINE-5'-MONOPHOSPHATE"              ? 'C9 H14 N3 O7 P'  307.197 
DG 'DNA linking' y "2'-DEOXYGUANOSINE-5'-MONOPHOSPHATE"             ? 'C10 H14 N5 O7 P' 347.221 
DT 'DNA linking' y "THYMIDINE-5'-MONOPHOSPHATE"                     ? 'C10 H15 N2 O8 P' 322.208 
P  'DNA linking' n 
;2'-DEOXY-N1,N2-PROPANO GUANOSINE MONOPHOSPHATE
;
? 'C13 H18 N5 O7 P' 387.285 
# 
loop_
_pdbx_poly_seq_scheme.asym_id 
_pdbx_poly_seq_scheme.entity_id 
_pdbx_poly_seq_scheme.seq_id 
_pdbx_poly_seq_scheme.mon_id 
_pdbx_poly_seq_scheme.ndb_seq_num 
_pdbx_poly_seq_scheme.pdb_seq_num 
_pdbx_poly_seq_scheme.auth_seq_num 
_pdbx_poly_seq_scheme.pdb_mon_id 
_pdbx_poly_seq_scheme.auth_mon_id 
_pdbx_poly_seq_scheme.pdb_strand_id 
_pdbx_poly_seq_scheme.pdb_ins_code 
_pdbx_poly_seq_scheme.hetero 
A 1 1  DC 1  1  1  DC C   A . n 
A 1 2  DG 2  2  2  DG G   A . n 
A 1 3  DC 3  3  3  DC C   A . n 
A 1 4  DG 4  4  4  DG G   A . n 
A 1 5  DG 5  5  5  DG G   A . n 
A 1 6  DT 6  6  6  DT T   A . n 
A 1 7  P  7  7  7  P  PDG A . n 
A 1 8  DT 8  8  8  DT T   A . n 
A 1 9  DC 9  9  9  DC C   A . n 
A 1 10 DC 10 10 10 DC C   A . n 
A 1 11 DG 11 11 11 DG G   A . n 
A 1 12 DC 12 12 12 DC C   A . n 
A 1 13 DG 13 13 13 DG G   A . n 
# 
_exptl.entry_id          1LAE 
_exptl.method            'SOLUTION NMR' 
_exptl.crystals_number   ? 
# 
_exptl_crystal.id                    1 
_exptl_crystal.density_meas          ? 
_exptl_crystal.density_Matthews      ? 
_exptl_crystal.density_percent_sol   ? 
_exptl_crystal.description           ? 
# 
_diffrn.id                     1 
_diffrn.crystal_id             1 
_diffrn.ambient_temp           ? 
_diffrn.ambient_temp_details   ? 
# 
_diffrn_radiation.diffrn_id                        1 
_diffrn_radiation.wavelength_id                    1 
_diffrn_radiation.pdbx_monochromatic_or_laue_m_l   M 
_diffrn_radiation.monochromator                    ? 
_diffrn_radiation.pdbx_diffrn_protocol             'SINGLE WAVELENGTH' 
_diffrn_radiation.pdbx_scattering_type             ? 
# 
_diffrn_radiation_wavelength.id           1 
_diffrn_radiation_wavelength.wavelength   . 
_diffrn_radiation_wavelength.wt           1.0 
# 
_struct.entry_id                  1LAE 
_struct.title                     
;Solution Structure of the DNA 13-mer Hairpin CGCGGTXTCCGCG (X=PdG) Containing the 1,N2-propanodeoxyguanosine Adduct at the Seventh Position
;
_struct.pdbx_model_details        ? 
_struct.pdbx_CASP_flag            ? 
_struct.pdbx_model_type_details   'minimized average' 
# 
_struct_keywords.entry_id        1LAE 
_struct_keywords.pdbx_keywords   DNA 
_struct_keywords.text            'DNA, Hairpin, propanpodeoxyguanosine' 
# 
_struct_asym.id                            A 
_struct_asym.pdbx_blank_PDB_chainid_flag   N 
_struct_asym.pdbx_modified                 N 
_struct_asym.entity_id                     1 
_struct_asym.details                       ? 
# 
_struct_ref.id                         1 
_struct_ref.entity_id                  1 
_struct_ref.db_name                    PDB 
_struct_ref.db_code                    1LAE 
_struct_ref.pdbx_db_accession          1LAE 
_struct_ref.pdbx_db_isoform            ? 
_struct_ref.pdbx_seq_one_letter_code   ? 
_struct_ref.pdbx_align_begin           ? 
# 
_struct_ref_seq.align_id                      1 
_struct_ref_seq.ref_id                        1 
_struct_ref_seq.pdbx_PDB_id_code              1LAE 
_struct_ref_seq.pdbx_strand_id                A 
_struct_ref_seq.seq_align_beg                 1 
_struct_ref_seq.pdbx_seq_align_beg_ins_code   ? 
_struct_ref_seq.seq_align_end                 13 
_struct_ref_seq.pdbx_seq_align_end_ins_code   ? 
_struct_ref_seq.pdbx_db_accession             1LAE 
_struct_ref_seq.db_align_beg                  1 
_struct_ref_seq.pdbx_db_align_beg_ins_code    ? 
_struct_ref_seq.db_align_end                  13 
_struct_ref_seq.pdbx_db_align_end_ins_code    ? 
_struct_ref_seq.pdbx_auth_seq_align_beg       1 
_struct_ref_seq.pdbx_auth_seq_align_end       13 
# 
_pdbx_struct_assembly.id                   1 
_pdbx_struct_assembly.details              author_defined_assembly 
_pdbx_struct_assembly.method_details       ? 
_pdbx_struct_assembly.oligomeric_details   monomeric 
_pdbx_struct_assembly.oligomeric_count     1 
# 
_pdbx_struct_assembly_gen.assembly_id       1 
_pdbx_struct_assembly_gen.oper_expression   1 
_pdbx_struct_assembly_gen.asym_id_list      A 
# 
_pdbx_struct_oper_list.id                   1 
_pdbx_struct_oper_list.type                 'identity operation' 
_pdbx_struct_oper_list.name                 1_555 
_pdbx_struct_oper_list.symmetry_operation   x,y,z 
_pdbx_struct_oper_list.matrix[1][1]         1.0000000000 
_pdbx_struct_oper_list.matrix[1][2]         0.0000000000 
_pdbx_struct_oper_list.matrix[1][3]         0.0000000000 
_pdbx_struct_oper_list.vector[1]            0.0000000000 
_pdbx_struct_oper_list.matrix[2][1]         0.0000000000 
_pdbx_struct_oper_list.matrix[2][2]         1.0000000000 
_pdbx_struct_oper_list.matrix[2][3]         0.0000000000 
_pdbx_struct_oper_list.vector[2]            0.0000000000 
_pdbx_struct_oper_list.matrix[3][1]         0.0000000000 
_pdbx_struct_oper_list.matrix[3][2]         0.0000000000 
_pdbx_struct_oper_list.matrix[3][3]         1.0000000000 
_pdbx_struct_oper_list.vector[3]            0.0000000000 
# 
_struct_biol.id   1 
# 
loop_
_struct_conn.id 
_struct_conn.conn_type_id 
_struct_conn.pdbx_leaving_atom_flag 
_struct_conn.pdbx_PDB_id 
_struct_conn.ptnr1_label_asym_id 
_struct_conn.ptnr1_label_comp_id 
_struct_conn.ptnr1_label_seq_id 
_struct_conn.ptnr1_label_atom_id 
_struct_conn.pdbx_ptnr1_label_alt_id 
_struct_conn.pdbx_ptnr1_PDB_ins_code 
_struct_conn.pdbx_ptnr1_standard_comp_id 
_struct_conn.ptnr1_symmetry 
_struct_conn.ptnr2_label_asym_id 
_struct_conn.ptnr2_label_comp_id 
_struct_conn.ptnr2_label_seq_id 
_struct_conn.ptnr2_label_atom_id 
_struct_conn.pdbx_ptnr2_label_alt_id 
_struct_conn.pdbx_ptnr2_PDB_ins_code 
_struct_conn.ptnr1_auth_asym_id 
_struct_conn.ptnr1_auth_comp_id 
_struct_conn.ptnr1_auth_seq_id 
_struct_conn.ptnr2_auth_asym_id 
_struct_conn.ptnr2_auth_comp_id 
_struct_conn.ptnr2_auth_seq_id 
_struct_conn.ptnr2_symmetry 
_struct_conn.pdbx_ptnr3_label_atom_id 
_struct_conn.pdbx_ptnr3_label_seq_id 
_struct_conn.pdbx_ptnr3_label_comp_id 
_struct_conn.pdbx_ptnr3_label_asym_id 
_struct_conn.pdbx_ptnr3_label_alt_id 
_struct_conn.pdbx_ptnr3_PDB_ins_code 
_struct_conn.details 
_struct_conn.pdbx_dist_value 
_struct_conn.pdbx_value_order 
_struct_conn.pdbx_role 
covale1  covale both ? A DT 6 "O3'" ? ? ? 1_555 A P  7  P  ? ? A DT 6 A P  7  1_555 ? ? ? ? ? ? ?            1.609 ? ? 
covale2  covale both ? A P  7 "O3'" ? ? ? 1_555 A DT 8  P  ? ? A P  7 A DT 8  1_555 ? ? ? ? ? ? ?            1.609 ? ? 
hydrog1  hydrog ?    ? A DC 1 N3    ? ? ? 1_555 A DG 13 N1 ? ? A DC 1 A DG 13 1_555 ? ? ? ? ? ? WATSON-CRICK ?     ? ? 
hydrog2  hydrog ?    ? A DC 1 N4    ? ? ? 1_555 A DG 13 O6 ? ? A DC 1 A DG 13 1_555 ? ? ? ? ? ? WATSON-CRICK ?     ? ? 
hydrog3  hydrog ?    ? A DC 1 O2    ? ? ? 1_555 A DG 13 N2 ? ? A DC 1 A DG 13 1_555 ? ? ? ? ? ? WATSON-CRICK ?     ? ? 
hydrog4  hydrog ?    ? A DG 2 N1    ? ? ? 1_555 A DC 12 N3 ? ? A DG 2 A DC 12 1_555 ? ? ? ? ? ? WATSON-CRICK ?     ? ? 
hydrog5  hydrog ?    ? A DG 2 N2    ? ? ? 1_555 A DC 12 O2 ? ? A DG 2 A DC 12 1_555 ? ? ? ? ? ? WATSON-CRICK ?     ? ? 
hydrog6  hydrog ?    ? A DG 2 O6    ? ? ? 1_555 A DC 12 N4 ? ? A DG 2 A DC 12 1_555 ? ? ? ? ? ? WATSON-CRICK ?     ? ? 
hydrog7  hydrog ?    ? A DC 3 N3    ? ? ? 1_555 A DG 11 N1 ? ? A DC 3 A DG 11 1_555 ? ? ? ? ? ? WATSON-CRICK ?     ? ? 
hydrog8  hydrog ?    ? A DC 3 N4    ? ? ? 1_555 A DG 11 O6 ? ? A DC 3 A DG 11 1_555 ? ? ? ? ? ? WATSON-CRICK ?     ? ? 
hydrog9  hydrog ?    ? A DC 3 O2    ? ? ? 1_555 A DG 11 N2 ? ? A DC 3 A DG 11 1_555 ? ? ? ? ? ? WATSON-CRICK ?     ? ? 
hydrog10 hydrog ?    ? A DG 4 N1    ? ? ? 1_555 A DC 10 N3 ? ? A DG 4 A DC 10 1_555 ? ? ? ? ? ? WATSON-CRICK ?     ? ? 
hydrog11 hydrog ?    ? A DG 4 N2    ? ? ? 1_555 A DC 10 O2 ? ? A DG 4 A DC 10 1_555 ? ? ? ? ? ? WATSON-CRICK ?     ? ? 
hydrog12 hydrog ?    ? A DG 4 O6    ? ? ? 1_555 A DC 10 N4 ? ? A DG 4 A DC 10 1_555 ? ? ? ? ? ? WATSON-CRICK ?     ? ? 
hydrog13 hydrog ?    ? A DG 5 N1    ? ? ? 1_555 A DC 9  N3 ? ? A DG 5 A DC 9  1_555 ? ? ? ? ? ? WATSON-CRICK ?     ? ? 
hydrog14 hydrog ?    ? A DG 5 N2    ? ? ? 1_555 A DC 9  O2 ? ? A DG 5 A DC 9  1_555 ? ? ? ? ? ? WATSON-CRICK ?     ? ? 
hydrog15 hydrog ?    ? A DG 5 O6    ? ? ? 1_555 A DC 9  N4 ? ? A DG 5 A DC 9  1_555 ? ? ? ? ? ? WATSON-CRICK ?     ? ? 
# 
loop_
_struct_conn_type.id 
_struct_conn_type.criteria 
_struct_conn_type.reference 
covale ? ? 
hydrog ? ? 
# 
loop_
_pdbx_validate_rmsd_angle.id 
_pdbx_validate_rmsd_angle.PDB_model_num 
_pdbx_validate_rmsd_angle.auth_atom_id_1 
_pdbx_validate_rmsd_angle.auth_asym_id_1 
_pdbx_validate_rmsd_angle.auth_comp_id_1 
_pdbx_validate_rmsd_angle.auth_seq_id_1 
_pdbx_validate_rmsd_angle.PDB_ins_code_1 
_pdbx_validate_rmsd_angle.label_alt_id_1 
_pdbx_validate_rmsd_angle.auth_atom_id_2 
_pdbx_validate_rmsd_angle.auth_asym_id_2 
_pdbx_validate_rmsd_angle.auth_comp_id_2 
_pdbx_validate_rmsd_angle.auth_seq_id_2 
_pdbx_validate_rmsd_angle.PDB_ins_code_2 
_pdbx_validate_rmsd_angle.label_alt_id_2 
_pdbx_validate_rmsd_angle.auth_atom_id_3 
_pdbx_validate_rmsd_angle.auth_asym_id_3 
_pdbx_validate_rmsd_angle.auth_comp_id_3 
_pdbx_validate_rmsd_angle.auth_seq_id_3 
_pdbx_validate_rmsd_angle.PDB_ins_code_3 
_pdbx_validate_rmsd_angle.label_alt_id_3 
_pdbx_validate_rmsd_angle.angle_value 
_pdbx_validate_rmsd_angle.angle_target_value 
_pdbx_validate_rmsd_angle.angle_deviation 
_pdbx_validate_rmsd_angle.angle_standard_deviation 
_pdbx_validate_rmsd_angle.linker_flag 
1  1 "O4'" A DC 1  ? ? "C1'" A DC 1  ? ? N1 A DC 1  ? ? 111.26 108.30 2.96  0.30 N 
2  1 "O4'" A DG 2  ? ? "C1'" A DG 2  ? ? N9 A DG 2  ? ? 111.89 108.30 3.59  0.30 N 
3  1 N7    A DG 2  ? ? C8    A DG 2  ? ? N9 A DG 2  ? ? 117.66 113.10 4.56  0.50 N 
4  1 C8    A DG 2  ? ? N9    A DG 2  ? ? C4 A DG 2  ? ? 103.51 106.40 -2.89 0.40 N 
5  1 "O4'" A DC 3  ? ? "C1'" A DC 3  ? ? N1 A DC 3  ? ? 111.09 108.30 2.79  0.30 N 
6  1 "O4'" A DG 4  ? ? "C1'" A DG 4  ? ? N9 A DG 4  ? ? 112.00 108.30 3.70  0.30 N 
7  1 N7    A DG 4  ? ? C8    A DG 4  ? ? N9 A DG 4  ? ? 117.60 113.10 4.50  0.50 N 
8  1 C8    A DG 4  ? ? N9    A DG 4  ? ? C4 A DG 4  ? ? 103.59 106.40 -2.81 0.40 N 
9  1 N7    A DG 5  ? ? C8    A DG 5  ? ? N9 A DG 5  ? ? 117.86 113.10 4.76  0.50 N 
10 1 C8    A DG 5  ? ? N9    A DG 5  ? ? C4 A DG 5  ? ? 103.20 106.40 -3.20 0.40 N 
11 1 "O4'" A DT 6  ? ? "C1'" A DT 6  ? ? N1 A DT 6  ? ? 112.09 108.30 3.79  0.30 N 
12 1 C6    A DT 6  ? ? C5    A DT 6  ? ? C7 A DT 6  ? ? 119.12 122.90 -3.78 0.60 N 
13 1 "O4'" A DT 8  ? ? "C1'" A DT 8  ? ? N1 A DT 8  ? ? 111.08 108.30 2.78  0.30 N 
14 1 "O4'" A DC 9  ? ? "C1'" A DC 9  ? ? N1 A DC 9  ? ? 111.52 108.30 3.22  0.30 N 
15 1 "O4'" A DC 10 ? ? "C1'" A DC 10 ? ? N1 A DC 10 ? ? 112.06 108.30 3.76  0.30 N 
16 1 "O4'" A DG 11 ? ? "C1'" A DG 11 ? ? N9 A DG 11 ? ? 111.48 108.30 3.18  0.30 N 
17 1 N7    A DG 11 ? ? C8    A DG 11 ? ? N9 A DG 11 ? ? 117.66 113.10 4.56  0.50 N 
18 1 C8    A DG 11 ? ? N9    A DG 11 ? ? C4 A DG 11 ? ? 103.80 106.40 -2.60 0.40 N 
19 1 "O4'" A DC 12 ? ? "C1'" A DC 12 ? ? N1 A DC 12 ? ? 111.48 108.30 3.18  0.30 N 
20 1 "O4'" A DG 13 ? ? "C1'" A DG 13 ? ? N9 A DG 13 ? ? 110.79 108.30 2.49  0.30 N 
21 1 N7    A DG 13 ? ? C8    A DG 13 ? ? N9 A DG 13 ? ? 117.47 113.10 4.37  0.50 N 
22 1 C8    A DG 13 ? ? N9    A DG 13 ? ? C4 A DG 13 ? ? 103.33 106.40 -3.07 0.40 N 
# 
_pdbx_struct_mod_residue.id               1 
_pdbx_struct_mod_residue.label_asym_id    A 
_pdbx_struct_mod_residue.label_comp_id    P 
_pdbx_struct_mod_residue.label_seq_id     7 
_pdbx_struct_mod_residue.auth_asym_id     A 
_pdbx_struct_mod_residue.auth_comp_id     P 
_pdbx_struct_mod_residue.auth_seq_id      7 
_pdbx_struct_mod_residue.PDB_ins_code     ? 
_pdbx_struct_mod_residue.parent_comp_id   DG 
_pdbx_struct_mod_residue.details          ? 
# 
_pdbx_nmr_ensemble.entry_id                             1LAE 
_pdbx_nmr_ensemble.conformers_calculated_total_number   ? 
_pdbx_nmr_ensemble.conformers_submitted_total_number    1 
_pdbx_nmr_ensemble.conformer_selection_criteria         ? 
# 
_pdbx_nmr_representative.entry_id             1LAE 
_pdbx_nmr_representative.conformer_id         1 
_pdbx_nmr_representative.selection_criteria   'minimized average structure' 
# 
loop_
_pdbx_nmr_sample_details.solution_id 
_pdbx_nmr_sample_details.contents 
_pdbx_nmr_sample_details.solvent_system 
1 '1.8 mM DNA, 10 mM sodium phosphate, 100 mM NaCl, 50 uM EDTA' D2O     
2 '1.8 mM DNA, 1 mM sodium phosphate, 100 mM NaCl, 50 uM EDTA'  H2O/D2O 
# 
loop_
_pdbx_nmr_exptl_sample_conditions.conditions_id 
_pdbx_nmr_exptl_sample_conditions.temperature 
_pdbx_nmr_exptl_sample_conditions.pressure 
_pdbx_nmr_exptl_sample_conditions.pH 
_pdbx_nmr_exptl_sample_conditions.ionic_strength 
_pdbx_nmr_exptl_sample_conditions.pressure_units 
_pdbx_nmr_exptl_sample_conditions.temperature_units 
1 303 ambient 6.8 '100 mM NaCl' ? K 
2 278 ambient 6.8 '100 mM NaCl' ? K 
# 
loop_
_pdbx_nmr_exptl.experiment_id 
_pdbx_nmr_exptl.solution_id 
_pdbx_nmr_exptl.conditions_id 
_pdbx_nmr_exptl.type 
1 1 1 '2D NOESY'    
2 1 1 '31P-1H COSY' 
3 1 1 DQF-COSY      
4 2 2 '2D NOESY'    
# 
_pdbx_nmr_refine.entry_id           1LAE 
_pdbx_nmr_refine.method             'Molecular dynamics using a simulated annealing protocol.' 
_pdbx_nmr_refine.details            ? 
_pdbx_nmr_refine.software_ordinal   1 
# 
loop_
_pdbx_nmr_software.name 
_pdbx_nmr_software.version 
_pdbx_nmr_software.classification 
_pdbx_nmr_software.authors 
_pdbx_nmr_software.ordinal 
UXNMR     3.0          collection                    Bruker           1 
Felix     '97.0, 2000' 'data analysis'               'Hare, D.'       2 
MARDIGRAS 3.2          'iterative matrix relaxation' 'Bogias & James' 3 
X-PLOR    3.8          refinement                    'Brunger, A.'    4 
# 
loop_
_chem_comp_atom.comp_id 
_chem_comp_atom.atom_id 
_chem_comp_atom.type_symbol 
_chem_comp_atom.pdbx_aromatic_flag 
_chem_comp_atom.pdbx_stereo_config 
_chem_comp_atom.pdbx_ordinal 
DC OP3    O N N 1   
DC P      P N N 2   
DC OP1    O N N 3   
DC OP2    O N N 4   
DC "O5'"  O N N 5   
DC "C5'"  C N N 6   
DC "C4'"  C N R 7   
DC "O4'"  O N N 8   
DC "C3'"  C N S 9   
DC "O3'"  O N N 10  
DC "C2'"  C N N 11  
DC "C1'"  C N R 12  
DC N1     N N N 13  
DC C2     C N N 14  
DC O2     O N N 15  
DC N3     N N N 16  
DC C4     C N N 17  
DC N4     N N N 18  
DC C5     C N N 19  
DC C6     C N N 20  
DC HOP3   H N N 21  
DC HOP2   H N N 22  
DC "H5'"  H N N 23  
DC "H5''" H N N 24  
DC "H4'"  H N N 25  
DC "H3'"  H N N 26  
DC "HO3'" H N N 27  
DC "H2'"  H N N 28  
DC "H2''" H N N 29  
DC "H1'"  H N N 30  
DC H41    H N N 31  
DC H42    H N N 32  
DC H5     H N N 33  
DC H6     H N N 34  
DG OP3    O N N 35  
DG P      P N N 36  
DG OP1    O N N 37  
DG OP2    O N N 38  
DG "O5'"  O N N 39  
DG "C5'"  C N N 40  
DG "C4'"  C N R 41  
DG "O4'"  O N N 42  
DG "C3'"  C N S 43  
DG "O3'"  O N N 44  
DG "C2'"  C N N 45  
DG "C1'"  C N R 46  
DG N9     N Y N 47  
DG C8     C Y N 48  
DG N7     N Y N 49  
DG C5     C Y N 50  
DG C6     C N N 51  
DG O6     O N N 52  
DG N1     N N N 53  
DG C2     C N N 54  
DG N2     N N N 55  
DG N3     N N N 56  
DG C4     C Y N 57  
DG HOP3   H N N 58  
DG HOP2   H N N 59  
DG "H5'"  H N N 60  
DG "H5''" H N N 61  
DG "H4'"  H N N 62  
DG "H3'"  H N N 63  
DG "HO3'" H N N 64  
DG "H2'"  H N N 65  
DG "H2''" H N N 66  
DG "H1'"  H N N 67  
DG H8     H N N 68  
DG H1     H N N 69  
DG H21    H N N 70  
DG H22    H N N 71  
DT OP3    O N N 72  
DT P      P N N 73  
DT OP1    O N N 74  
DT OP2    O N N 75  
DT "O5'"  O N N 76  
DT "C5'"  C N N 77  
DT "C4'"  C N R 78  
DT "O4'"  O N N 79  
DT "C3'"  C N S 80  
DT "O3'"  O N N 81  
DT "C2'"  C N N 82  
DT "C1'"  C N R 83  
DT N1     N N N 84  
DT C2     C N N 85  
DT O2     O N N 86  
DT N3     N N N 87  
DT C4     C N N 88  
DT O4     O N N 89  
DT C5     C N N 90  
DT C7     C N N 91  
DT C6     C N N 92  
DT HOP3   H N N 93  
DT HOP2   H N N 94  
DT "H5'"  H N N 95  
DT "H5''" H N N 96  
DT "H4'"  H N N 97  
DT "H3'"  H N N 98  
DT "HO3'" H N N 99  
DT "H2'"  H N N 100 
DT "H2''" H N N 101 
DT "H1'"  H N N 102 
DT H3     H N N 103 
DT H71    H N N 104 
DT H72    H N N 105 
DT H73    H N N 106 
DT H6     H N N 107 
P  P      P N N 108 
P  OP1    O N N 109 
P  OP2    O N N 110 
P  OP3    O N N 111 
P  "O5'"  O N N 112 
P  "C5'"  C N N 113 
P  "C4'"  C N R 114 
P  "O4'"  O N N 115 
P  "C3'"  C N S 116 
P  "O3'"  O N N 117 
P  "C2'"  C N N 118 
P  "C1'"  C N R 119 
P  N9     N Y N 120 
P  C8     C Y N 121 
P  N7     N Y N 122 
P  C5     C Y N 123 
P  C6     C N N 124 
P  O6     O N N 125 
P  N1     N N N 126 
P  C2     C N N 127 
P  N2     N N N 128 
P  N3     N N N 129 
P  C4     C Y N 130 
P  C6A    C N N 131 
P  C7A    C N N 132 
P  C8A    C N N 133 
P  HOP2   H N N 134 
P  HOP3   H N N 135 
P  "H5'"  H N N 136 
P  "H5''" H N N 137 
P  "H4'"  H N N 138 
P  "H3'"  H N N 139 
P  "HO3'" H N N 140 
P  "H2'"  H N N 141 
P  "H2''" H N N 142 
P  "H1'"  H N N 143 
P  H8     H N N 144 
P  H2     H N N 145 
P  H6A1   H N N 146 
P  H6A2   H N N 147 
P  H7A1   H N N 148 
P  H7A2   H N N 149 
P  H8A1   H N N 150 
P  H8A2   H N N 151 
# 
loop_
_chem_comp_bond.comp_id 
_chem_comp_bond.atom_id_1 
_chem_comp_bond.atom_id_2 
_chem_comp_bond.value_order 
_chem_comp_bond.pdbx_aromatic_flag 
_chem_comp_bond.pdbx_stereo_config 
_chem_comp_bond.pdbx_ordinal 
DC OP3   P      sing N N 1   
DC OP3   HOP3   sing N N 2   
DC P     OP1    doub N N 3   
DC P     OP2    sing N N 4   
DC P     "O5'"  sing N N 5   
DC OP2   HOP2   sing N N 6   
DC "O5'" "C5'"  sing N N 7   
DC "C5'" "C4'"  sing N N 8   
DC "C5'" "H5'"  sing N N 9   
DC "C5'" "H5''" sing N N 10  
DC "C4'" "O4'"  sing N N 11  
DC "C4'" "C3'"  sing N N 12  
DC "C4'" "H4'"  sing N N 13  
DC "O4'" "C1'"  sing N N 14  
DC "C3'" "O3'"  sing N N 15  
DC "C3'" "C2'"  sing N N 16  
DC "C3'" "H3'"  sing N N 17  
DC "O3'" "HO3'" sing N N 18  
DC "C2'" "C1'"  sing N N 19  
DC "C2'" "H2'"  sing N N 20  
DC "C2'" "H2''" sing N N 21  
DC "C1'" N1     sing N N 22  
DC "C1'" "H1'"  sing N N 23  
DC N1    C2     sing N N 24  
DC N1    C6     sing N N 25  
DC C2    O2     doub N N 26  
DC C2    N3     sing N N 27  
DC N3    C4     doub N N 28  
DC C4    N4     sing N N 29  
DC C4    C5     sing N N 30  
DC N4    H41    sing N N 31  
DC N4    H42    sing N N 32  
DC C5    C6     doub N N 33  
DC C5    H5     sing N N 34  
DC C6    H6     sing N N 35  
DG OP3   P      sing N N 36  
DG OP3   HOP3   sing N N 37  
DG P     OP1    doub N N 38  
DG P     OP2    sing N N 39  
DG P     "O5'"  sing N N 40  
DG OP2   HOP2   sing N N 41  
DG "O5'" "C5'"  sing N N 42  
DG "C5'" "C4'"  sing N N 43  
DG "C5'" "H5'"  sing N N 44  
DG "C5'" "H5''" sing N N 45  
DG "C4'" "O4'"  sing N N 46  
DG "C4'" "C3'"  sing N N 47  
DG "C4'" "H4'"  sing N N 48  
DG "O4'" "C1'"  sing N N 49  
DG "C3'" "O3'"  sing N N 50  
DG "C3'" "C2'"  sing N N 51  
DG "C3'" "H3'"  sing N N 52  
DG "O3'" "HO3'" sing N N 53  
DG "C2'" "C1'"  sing N N 54  
DG "C2'" "H2'"  sing N N 55  
DG "C2'" "H2''" sing N N 56  
DG "C1'" N9     sing N N 57  
DG "C1'" "H1'"  sing N N 58  
DG N9    C8     sing Y N 59  
DG N9    C4     sing Y N 60  
DG C8    N7     doub Y N 61  
DG C8    H8     sing N N 62  
DG N7    C5     sing Y N 63  
DG C5    C6     sing N N 64  
DG C5    C4     doub Y N 65  
DG C6    O6     doub N N 66  
DG C6    N1     sing N N 67  
DG N1    C2     sing N N 68  
DG N1    H1     sing N N 69  
DG C2    N2     sing N N 70  
DG C2    N3     doub N N 71  
DG N2    H21    sing N N 72  
DG N2    H22    sing N N 73  
DG N3    C4     sing N N 74  
DT OP3   P      sing N N 75  
DT OP3   HOP3   sing N N 76  
DT P     OP1    doub N N 77  
DT P     OP2    sing N N 78  
DT P     "O5'"  sing N N 79  
DT OP2   HOP2   sing N N 80  
DT "O5'" "C5'"  sing N N 81  
DT "C5'" "C4'"  sing N N 82  
DT "C5'" "H5'"  sing N N 83  
DT "C5'" "H5''" sing N N 84  
DT "C4'" "O4'"  sing N N 85  
DT "C4'" "C3'"  sing N N 86  
DT "C4'" "H4'"  sing N N 87  
DT "O4'" "C1'"  sing N N 88  
DT "C3'" "O3'"  sing N N 89  
DT "C3'" "C2'"  sing N N 90  
DT "C3'" "H3'"  sing N N 91  
DT "O3'" "HO3'" sing N N 92  
DT "C2'" "C1'"  sing N N 93  
DT "C2'" "H2'"  sing N N 94  
DT "C2'" "H2''" sing N N 95  
DT "C1'" N1     sing N N 96  
DT "C1'" "H1'"  sing N N 97  
DT N1    C2     sing N N 98  
DT N1    C6     sing N N 99  
DT C2    O2     doub N N 100 
DT C2    N3     sing N N 101 
DT N3    C4     sing N N 102 
DT N3    H3     sing N N 103 
DT C4    O4     doub N N 104 
DT C4    C5     sing N N 105 
DT C5    C7     sing N N 106 
DT C5    C6     doub N N 107 
DT C7    H71    sing N N 108 
DT C7    H72    sing N N 109 
DT C7    H73    sing N N 110 
DT C6    H6     sing N N 111 
P  P     OP1    doub N N 112 
P  P     OP2    sing N N 113 
P  P     OP3    sing N N 114 
P  P     "O5'"  sing N N 115 
P  OP2   HOP2   sing N N 116 
P  OP3   HOP3   sing N N 117 
P  "O5'" "C5'"  sing N N 118 
P  "C5'" "C4'"  sing N N 119 
P  "C5'" "H5'"  sing N N 120 
P  "C5'" "H5''" sing N N 121 
P  "C4'" "O4'"  sing N N 122 
P  "C4'" "C3'"  sing N N 123 
P  "C4'" "H4'"  sing N N 124 
P  "O4'" "C1'"  sing N N 125 
P  "C3'" "O3'"  sing N N 126 
P  "C3'" "C2'"  sing N N 127 
P  "C3'" "H3'"  sing N N 128 
P  "O3'" "HO3'" sing N N 129 
P  "C2'" "C1'"  sing N N 130 
P  "C2'" "H2'"  sing N N 131 
P  "C2'" "H2''" sing N N 132 
P  "C1'" N9     sing N N 133 
P  "C1'" "H1'"  sing N N 134 
P  N9    C8     sing Y N 135 
P  N9    C4     sing Y N 136 
P  C8    N7     doub Y N 137 
P  C8    H8     sing N N 138 
P  N7    C5     sing Y N 139 
P  C5    C6     sing N N 140 
P  C5    C4     doub Y N 141 
P  C6    O6     doub N N 142 
P  C6    N1     sing N N 143 
P  N1    C2     sing N N 144 
P  N1    C8A    sing N N 145 
P  C2    N2     sing N N 146 
P  C2    N3     doub N N 147 
P  N2    C6A    sing N N 148 
P  N2    H2     sing N N 149 
P  N3    C4     sing N N 150 
P  C6A   C7A    sing N N 151 
P  C6A   H6A1   sing N N 152 
P  C6A   H6A2   sing N N 153 
P  C7A   C8A    sing N N 154 
P  C7A   H7A1   sing N N 155 
P  C7A   H7A2   sing N N 156 
P  C8A   H8A1   sing N N 157 
P  C8A   H8A2   sing N N 158 
# 
loop_
_ndb_struct_conf_na.entry_id 
_ndb_struct_conf_na.feature 
1LAE 'b-form double helix' 
1LAE 'hairpin loop'        
# 
loop_
_ndb_struct_na_base_pair.model_number 
_ndb_struct_na_base_pair.i_label_asym_id 
_ndb_struct_na_base_pair.i_label_comp_id 
_ndb_struct_na_base_pair.i_label_seq_id 
_ndb_struct_na_base_pair.i_symmetry 
_ndb_struct_na_base_pair.j_label_asym_id 
_ndb_struct_na_base_pair.j_label_comp_id 
_ndb_struct_na_base_pair.j_label_seq_id 
_ndb_struct_na_base_pair.j_symmetry 
_ndb_struct_na_base_pair.shear 
_ndb_struct_na_base_pair.stretch 
_ndb_struct_na_base_pair.stagger 
_ndb_struct_na_base_pair.buckle 
_ndb_struct_na_base_pair.propeller 
_ndb_struct_na_base_pair.opening 
_ndb_struct_na_base_pair.pair_number 
_ndb_struct_na_base_pair.pair_name 
_ndb_struct_na_base_pair.i_auth_asym_id 
_ndb_struct_na_base_pair.i_auth_seq_id 
_ndb_struct_na_base_pair.i_PDB_ins_code 
_ndb_struct_na_base_pair.j_auth_asym_id 
_ndb_struct_na_base_pair.j_auth_seq_id 
_ndb_struct_na_base_pair.j_PDB_ins_code 
_ndb_struct_na_base_pair.hbond_type_28 
_ndb_struct_na_base_pair.hbond_type_12 
1 A DC 1 1_555 A DG 13 1_555 0.084  -0.051 0.266  -23.657 -4.180 -2.924 1 A_DC1:DG13_A A 1 ? A 13 ? 19 1 
1 A DG 2 1_555 A DC 12 1_555 -0.169 -0.150 -0.175 -3.810  -3.383 -1.200 2 A_DG2:DC12_A A 2 ? A 12 ? 19 1 
1 A DC 3 1_555 A DG 11 1_555 0.212  -0.094 0.002  8.306   2.881  0.612  3 A_DC3:DG11_A A 3 ? A 11 ? 19 1 
1 A DG 4 1_555 A DC 10 1_555 -0.054 -0.092 -0.331 -15.643 0.645  -3.520 4 A_DG4:DC10_A A 4 ? A 10 ? 19 1 
1 A DG 5 1_555 A DC 9  1_555 -0.191 -0.074 0.217  14.054  -3.650 -4.698 5 A_DG5:DC9_A  A 5 ? A 9  ? 19 1 
# 
loop_
_ndb_struct_na_base_pair_step.model_number 
_ndb_struct_na_base_pair_step.i_label_asym_id_1 
_ndb_struct_na_base_pair_step.i_label_comp_id_1 
_ndb_struct_na_base_pair_step.i_label_seq_id_1 
_ndb_struct_na_base_pair_step.i_symmetry_1 
_ndb_struct_na_base_pair_step.j_label_asym_id_1 
_ndb_struct_na_base_pair_step.j_label_comp_id_1 
_ndb_struct_na_base_pair_step.j_label_seq_id_1 
_ndb_struct_na_base_pair_step.j_symmetry_1 
_ndb_struct_na_base_pair_step.i_label_asym_id_2 
_ndb_struct_na_base_pair_step.i_label_comp_id_2 
_ndb_struct_na_base_pair_step.i_label_seq_id_2 
_ndb_struct_na_base_pair_step.i_symmetry_2 
_ndb_struct_na_base_pair_step.j_label_asym_id_2 
_ndb_struct_na_base_pair_step.j_label_comp_id_2 
_ndb_struct_na_base_pair_step.j_label_seq_id_2 
_ndb_struct_na_base_pair_step.j_symmetry_2 
_ndb_struct_na_base_pair_step.shift 
_ndb_struct_na_base_pair_step.slide 
_ndb_struct_na_base_pair_step.rise 
_ndb_struct_na_base_pair_step.tilt 
_ndb_struct_na_base_pair_step.roll 
_ndb_struct_na_base_pair_step.twist 
_ndb_struct_na_base_pair_step.x_displacement 
_ndb_struct_na_base_pair_step.y_displacement 
_ndb_struct_na_base_pair_step.helical_rise 
_ndb_struct_na_base_pair_step.inclination 
_ndb_struct_na_base_pair_step.tip 
_ndb_struct_na_base_pair_step.helical_twist 
_ndb_struct_na_base_pair_step.step_number 
_ndb_struct_na_base_pair_step.step_name 
_ndb_struct_na_base_pair_step.i_auth_asym_id_1 
_ndb_struct_na_base_pair_step.i_auth_seq_id_1 
_ndb_struct_na_base_pair_step.i_PDB_ins_code_1 
_ndb_struct_na_base_pair_step.j_auth_asym_id_1 
_ndb_struct_na_base_pair_step.j_auth_seq_id_1 
_ndb_struct_na_base_pair_step.j_PDB_ins_code_1 
_ndb_struct_na_base_pair_step.i_auth_asym_id_2 
_ndb_struct_na_base_pair_step.i_auth_seq_id_2 
_ndb_struct_na_base_pair_step.i_PDB_ins_code_2 
_ndb_struct_na_base_pair_step.j_auth_asym_id_2 
_ndb_struct_na_base_pair_step.j_auth_seq_id_2 
_ndb_struct_na_base_pair_step.j_PDB_ins_code_2 
1 A DC 1 1_555 A DG 13 1_555 A DG 2 1_555 A DC 12 1_555 0.250  0.704  3.167 -0.691 -1.141 33.960 1.380  -0.535 3.137 -1.952 1.183  
33.985 1 AA_DC1DG2:DC12DG13_AA A 1 ? A 13 ? A 2 ? A 12 ? 
1 A DG 2 1_555 A DC 12 1_555 A DC 3 1_555 A DG 11 1_555 0.209  -0.066 3.018 -2.232 3.007  35.824 -0.499 -0.630 2.985 4.871  3.617  
36.013 2 AA_DG2DC3:DG11DC12_AA A 2 ? A 12 ? A 3 ? A 11 ? 
1 A DC 3 1_555 A DG 11 1_555 A DG 4 1_555 A DC 10 1_555 -0.085 0.232  5.387 2.615  3.516  34.111 -0.513 0.818  5.362 5.963  -4.435 
34.383 3 AA_DC3DG4:DC10DG11_AA A 3 ? A 11 ? A 4 ? A 10 ? 
1 A DG 4 1_555 A DC 10 1_555 A DG 5 1_555 A DC 9  1_555 -0.647 0.771  2.721 -1.143 -2.230 35.454 1.533  0.922  2.688 -3.656 1.875  
35.539 4 AA_DG4DG5:DC9DC10_AA  A 4 ? A 10 ? A 5 ? A 9  ? 
# 
_pdbx_nmr_spectrometer.spectrometer_id   1 
_pdbx_nmr_spectrometer.type              ? 
_pdbx_nmr_spectrometer.manufacturer      Bruker 
_pdbx_nmr_spectrometer.model             DRX 
_pdbx_nmr_spectrometer.field_strength    500 
# 
_atom_sites.entry_id                    1LAE 
_atom_sites.fract_transf_matrix[1][1]   1.000000 
_atom_sites.fract_transf_matrix[1][2]   0.000000 
_atom_sites.fract_transf_matrix[1][3]   0.000000 
_atom_sites.fract_transf_matrix[2][1]   0.000000 
_atom_sites.fract_transf_matrix[2][2]   1.000000 
_atom_sites.fract_transf_matrix[2][3]   0.000000 
_atom_sites.fract_transf_matrix[3][1]   0.000000 
_atom_sites.fract_transf_matrix[3][2]   0.000000 
_atom_sites.fract_transf_matrix[3][3]   1.000000 
_atom_sites.fract_transf_vector[1]      0.00000 
_atom_sites.fract_transf_vector[2]      0.00000 
_atom_sites.fract_transf_vector[3]      0.00000 
# 
loop_
_atom_type.symbol 
C 
H 
N 
O 
P 
# 
loop_
_atom_site.group_PDB 
_atom_site.id 
_atom_site.type_symbol 
_atom_site.label_atom_id 
_atom_site.label_alt_id 
_atom_site.label_comp_id 
_atom_site.label_asym_id 
_atom_site.label_entity_id 
_atom_site.label_seq_id 
_atom_site.pdbx_PDB_ins_code 
_atom_site.Cartn_x 
_atom_site.Cartn_y 
_atom_site.Cartn_z 
_atom_site.occupancy 
_atom_site.B_iso_or_equiv 
_atom_site.pdbx_formal_charge 
_atom_site.auth_seq_id 
_atom_site.auth_comp_id 
_atom_site.auth_asym_id 
_atom_site.auth_atom_id 
_atom_site.pdbx_PDB_model_num 
ATOM   1   O "O5'"  . DC A 1 1  ? -4.529  10.366  -9.585 1.00 0.69 ? 1  DC A "O5'"  1 
ATOM   2   C "C5'"  . DC A 1 1  ? -5.011  11.645  -9.162 1.00 0.69 ? 1  DC A "C5'"  1 
ATOM   3   C "C4'"  . DC A 1 1  ? -5.020  11.767  -7.639 1.00 0.59 ? 1  DC A "C4'"  1 
ATOM   4   O "O4'"  . DC A 1 1  ? -5.844  10.731  -7.034 1.00 0.53 ? 1  DC A "O4'"  1 
ATOM   5   C "C3'"  . DC A 1 1  ? -3.625  11.588  -7.070 1.00 0.55 ? 1  DC A "C3'"  1 
ATOM   6   O "O3'"  . DC A 1 1  ? -3.438  12.411  -5.918 1.00 0.50 ? 1  DC A "O3'"  1 
ATOM   7   C "C2'"  . DC A 1 1  ? -3.576  10.139  -6.698 1.00 0.50 ? 1  DC A "C2'"  1 
ATOM   8   C "C1'"  . DC A 1 1  ? -4.998  9.829   -6.268 1.00 0.46 ? 1  DC A "C1'"  1 
ATOM   9   N N1     . DC A 1 1  ? -5.353  8.409   -6.524 1.00 0.45 ? 1  DC A N1     1 
ATOM   10  C C2     . DC A 1 1  ? -5.951  7.696   -5.490 1.00 0.38 ? 1  DC A C2     1 
ATOM   11  O O2     . DC A 1 1  ? -6.142  8.226   -4.395 1.00 0.32 ? 1  DC A O2     1 
ATOM   12  N N3     . DC A 1 1  ? -6.310  6.403   -5.720 1.00 0.39 ? 1  DC A N3     1 
ATOM   13  C C4     . DC A 1 1  ? -6.090  5.827   -6.909 1.00 0.46 ? 1  DC A C4     1 
ATOM   14  N N4     . DC A 1 1  ? -6.457  4.559   -7.100 1.00 0.47 ? 1  DC A N4     1 
ATOM   15  C C5     . DC A 1 1  ? -5.473  6.550   -7.974 1.00 0.54 ? 1  DC A C5     1 
ATOM   16  C C6     . DC A 1 1  ? -5.121  7.829   -7.743 1.00 0.53 ? 1  DC A C6     1 
ATOM   17  H "H5'"  . DC A 1 1  ? -6.027  11.783  -9.536 1.00 0.73 ? 1  DC A "H5'"  1 
ATOM   18  H "H5''" . DC A 1 1  ? -4.371  12.422  -9.578 1.00 0.74 ? 1  DC A "H5''" 1 
ATOM   19  H "H4'"  . DC A 1 1  ? -5.408  12.747  -7.354 1.00 0.59 ? 1  DC A "H4'"  1 
ATOM   20  H "H3'"  . DC A 1 1  ? -2.873  11.811  -7.830 1.00 0.61 ? 1  DC A "H3'"  1 
ATOM   21  H "H2'"  . DC A 1 1  ? -3.291  9.537   -7.566 1.00 0.55 ? 1  DC A "H2'"  1 
ATOM   22  H "H2''" . DC A 1 1  ? -2.883  9.975   -5.875 1.00 0.45 ? 1  DC A "H2''" 1 
ATOM   23  H "H1'"  . DC A 1 1  ? -5.108  10.053  -5.196 1.00 0.40 ? 1  DC A "H1'"  1 
ATOM   24  H H41    . DC A 1 1  ? -6.894  4.041   -6.352 1.00 0.43 ? 1  DC A H41    1 
ATOM   25  H H42    . DC A 1 1  ? -6.297  4.117   -7.993 1.00 0.53 ? 1  DC A H42    1 
ATOM   26  H H5     . DC A 1 1  ? -5.291  6.083   -8.942 1.00 0.61 ? 1  DC A H5     1 
ATOM   27  H H6     . DC A 1 1  ? -4.647  8.404   -8.537 1.00 0.61 ? 1  DC A H6     1 
ATOM   28  H "HO5'" . DC A 1 1  ? -3.623  10.288  -9.280 1.00 1.15 ? 1  DC A "HO5'" 1 
ATOM   29  P P      . DG A 1 2  ? -1.966  12.749  -5.371 1.00 0.51 ? 2  DG A P      1 
ATOM   30  O OP1    . DG A 1 2  ? -1.841  14.218  -5.244 1.00 0.55 ? 2  DG A OP1    1 
ATOM   31  O OP2    . DG A 1 2  ? -0.979  11.988  -6.170 1.00 0.57 ? 2  DG A OP2    1 
ATOM   32  O "O5'"  . DG A 1 2  ? -2.019  12.113  -3.894 1.00 0.42 ? 2  DG A "O5'"  1 
ATOM   33  C "C5'"  . DG A 1 2  ? -2.998  12.557  -2.948 1.00 0.36 ? 2  DG A "C5'"  1 
ATOM   34  C "C4'"  . DG A 1 2  ? -3.192  11.551  -1.816 1.00 0.31 ? 2  DG A "C4'"  1 
ATOM   35  O "O4'"  . DG A 1 2  ? -3.750  10.294  -2.294 1.00 0.28 ? 2  DG A "O4'"  1 
ATOM   36  C "C3'"  . DG A 1 2  ? -1.871  11.211  -1.134 1.00 0.32 ? 2  DG A "C3'"  1 
ATOM   37  O "O3'"  . DG A 1 2  ? -2.022  11.235  0.287  1.00 0.30 ? 2  DG A "O3'"  1 
ATOM   38  C "C2'"  . DG A 1 2  ? -1.550  9.827   -1.617 1.00 0.32 ? 2  DG A "C2'"  1 
ATOM   39  C "C1'"  . DG A 1 2  ? -2.903  9.207   -1.846 1.00 0.28 ? 2  DG A "C1'"  1 
ATOM   40  N N9     . DG A 1 2  ? -2.850  8.105   -2.833 1.00 0.28 ? 2  DG A N9     1 
ATOM   41  C C8     . DG A 1 2  ? -2.211  8.027   -4.030 1.00 0.36 ? 2  DG A C8     1 
ATOM   42  N N7     . DG A 1 2  ? -2.364  6.949   -4.721 1.00 0.34 ? 2  DG A N7     1 
ATOM   43  C C5     . DG A 1 2  ? -3.201  6.197   -3.896 1.00 0.23 ? 2  DG A C5     1 
ATOM   44  C C6     . DG A 1 2  ? -3.739  4.898   -4.091 1.00 0.17 ? 2  DG A C6     1 
ATOM   45  O O6     . DG A 1 2  ? -3.581  4.143   -5.048 1.00 0.19 ? 2  DG A O6     1 
ATOM   46  N N1     . DG A 1 2  ? -4.531  4.508   -3.018 1.00 0.13 ? 2  DG A N1     1 
ATOM   47  C C2     . DG A 1 2  ? -4.778  5.271   -1.893 1.00 0.14 ? 2  DG A C2     1 
ATOM   48  N N2     . DG A 1 2  ? -5.558  4.720   -0.963 1.00 0.20 ? 2  DG A N2     1 
ATOM   49  N N3     . DG A 1 2  ? -4.277  6.494   -1.704 1.00 0.15 ? 2  DG A N3     1 
ATOM   50  C C4     . DG A 1 2  ? -3.502  6.895   -2.737 1.00 0.20 ? 2  DG A C4     1 
ATOM   51  H "H5'"  . DG A 1 2  ? -3.953  12.714  -3.458 1.00 0.37 ? 2  DG A "H5'"  1 
ATOM   52  H "H5''" . DG A 1 2  ? -2.671  13.501  -2.527 1.00 0.37 ? 2  DG A "H5''" 1 
ATOM   53  H "H4'"  . DG A 1 2  ? -3.871  11.976  -1.079 1.00 0.28 ? 2  DG A "H4'"  1 
ATOM   54  H "H3'"  . DG A 1 2  ? -1.094  11.911  -1.448 1.00 0.36 ? 2  DG A "H3'"  1 
ATOM   55  H "H2'"  . DG A 1 2  ? -0.988  9.874   -2.548 1.00 0.36 ? 2  DG A "H2'"  1 
ATOM   56  H "H2''" . DG A 1 2  ? -0.994  9.272   -0.861 1.00 0.33 ? 2  DG A "H2''" 1 
ATOM   57  H "H1'"  . DG A 1 2  ? -3.281  8.827   -0.892 1.00 0.26 ? 2  DG A "H1'"  1 
ATOM   58  H H8     . DG A 1 2  ? -1.572  8.834   -4.385 1.00 0.44 ? 2  DG A H8     1 
ATOM   59  H H1     . DG A 1 2  ? -4.945  3.589   -3.085 1.00 0.13 ? 2  DG A H1     1 
ATOM   60  H H21    . DG A 1 2  ? -5.934  3.794   -1.105 1.00 0.24 ? 2  DG A H21    1 
ATOM   61  H H22    . DG A 1 2  ? -5.770  5.229   -0.117 1.00 0.23 ? 2  DG A H22    1 
ATOM   62  P P      . DC A 1 3  ? -0.751  11.120  1.266  1.00 0.32 ? 3  DC A P      1 
ATOM   63  O OP1    . DC A 1 3  ? -0.849  12.188  2.287  1.00 0.34 ? 3  DC A OP1    1 
ATOM   64  O OP2    . DC A 1 3  ? 0.472   10.993  0.440  1.00 0.37 ? 3  DC A OP2    1 
ATOM   65  O "O5'"  . DC A 1 3  ? -1.029  9.705   1.981  1.00 0.29 ? 3  DC A "O5'"  1 
ATOM   66  C "C5'"  . DC A 1 3  ? -2.265  9.487   2.670  1.00 0.26 ? 3  DC A "C5'"  1 
ATOM   67  C "C4'"  . DC A 1 3  ? -2.427  8.040   3.127  1.00 0.25 ? 3  DC A "C4'"  1 
ATOM   68  O "O4'"  . DC A 1 3  ? -2.720  7.170   2.007  1.00 0.26 ? 3  DC A "O4'"  1 
ATOM   69  C "C3'"  . DC A 1 3  ? -1.156  7.521   3.794  1.00 0.26 ? 3  DC A "C3'"  1 
ATOM   70  O "O3'"  . DC A 1 3  ? -1.448  6.863   5.031  1.00 0.26 ? 3  DC A "O3'"  1 
ATOM   71  C "C2'"  . DC A 1 3  ? -0.576  6.552   2.802  1.00 0.27 ? 3  DC A "C2'"  1 
ATOM   72  C "C1'"  . DC A 1 3  ? -1.758  6.095   1.969  1.00 0.27 ? 3  DC A "C1'"  1 
ATOM   73  N N1     . DC A 1 3  ? -1.371  5.777   0.578  1.00 0.27 ? 3  DC A N1     1 
ATOM   74  C C2     . DC A 1 3  ? -1.820  4.572   0.057  1.00 0.27 ? 3  DC A C2     1 
ATOM   75  O O2     . DC A 1 3  ? -2.509  3.822   0.745  1.00 0.26 ? 3  DC A O2     1 
ATOM   76  N N3     . DC A 1 3  ? -1.483  4.256   -1.223 1.00 0.27 ? 3  DC A N3     1 
ATOM   77  C C4     . DC A 1 3  ? -0.736  5.083   -1.963 1.00 0.28 ? 3  DC A C4     1 
ATOM   78  N N4     . DC A 1 3  ? -0.429  4.742   -3.216 1.00 0.29 ? 3  DC A N4     1 
ATOM   79  C C5     . DC A 1 3  ? -0.269  6.328   -1.432 1.00 0.29 ? 3  DC A C5     1 
ATOM   80  C C6     . DC A 1 3  ? -0.608  6.634   -0.165 1.00 0.28 ? 3  DC A C6     1 
ATOM   81  H "H5'"  . DC A 1 3  ? -3.091  9.742   2.007  1.00 0.26 ? 3  DC A "H5'"  1 
ATOM   82  H "H5''" . DC A 1 3  ? -2.299  10.138  3.539  1.00 0.25 ? 3  DC A "H5''" 1 
ATOM   83  H "H4'"  . DC A 1 3  ? -3.249  7.983   3.841  1.00 0.24 ? 3  DC A "H4'"  1 
ATOM   84  H "H3'"  . DC A 1 3  ? -0.459  8.347   3.957  1.00 0.27 ? 3  DC A "H3'"  1 
ATOM   85  H "H2'"  . DC A 1 3  ? 0.161   7.053   2.179  1.00 0.28 ? 3  DC A "H2'"  1 
ATOM   86  H "H2''" . DC A 1 3  ? -0.125  5.704   3.317  1.00 0.28 ? 3  DC A "H2''" 1 
ATOM   87  H "H1'"  . DC A 1 3  ? -2.197  5.210   2.432  1.00 0.27 ? 3  DC A "H1'"  1 
ATOM   88  H H41    . DC A 1 3  ? -0.753  3.864   -3.596 1.00 0.29 ? 3  DC A H41    1 
ATOM   89  H H42    . DC A 1 3  ? 0.130   5.361   -3.786 1.00 0.30 ? 3  DC A H42    1 
ATOM   90  H H5     . DC A 1 3  ? 0.347   6.999   -2.029 1.00 0.30 ? 3  DC A H5     1 
ATOM   91  H H6     . DC A 1 3  ? -0.278  7.578   0.267  1.00 0.29 ? 3  DC A H6     1 
ATOM   92  P P      . DG A 1 4  ? -0.289  6.624   6.126  1.00 0.26 ? 4  DG A P      1 
ATOM   93  O OP1    . DG A 1 4  ? -0.766  7.150   7.425  1.00 0.27 ? 4  DG A OP1    1 
ATOM   94  O OP2    . DG A 1 4  ? 0.994   7.103   5.563  1.00 0.27 ? 4  DG A OP2    1 
ATOM   95  O "O5'"  . DG A 1 4  ? -0.228  5.019   6.223  1.00 0.27 ? 4  DG A "O5'"  1 
ATOM   96  C "C5'"  . DG A 1 4  ? -1.351  4.266   6.690  1.00 0.28 ? 4  DG A "C5'"  1 
ATOM   97  C "C4'"  . DG A 1 4  ? -1.184  2.776   6.397  1.00 0.29 ? 4  DG A "C4'"  1 
ATOM   98  O "O4'"  . DG A 1 4  ? -0.971  2.540   4.977  1.00 0.29 ? 4  DG A "O4'"  1 
ATOM   99  C "C3'"  . DG A 1 4  ? 0.016   2.199   7.141  1.00 0.27 ? 4  DG A "C3'"  1 
ATOM   100 O "O3'"  . DG A 1 4  ? -0.346  0.990   7.821  1.00 0.29 ? 4  DG A "O3'"  1 
ATOM   101 C "C2'"  . DG A 1 4  ? 1.031   1.932   6.067  1.00 0.24 ? 4  DG A "C2'"  1 
ATOM   102 C "C1'"  . DG A 1 4  ? 0.224   1.746   4.804  1.00 0.26 ? 4  DG A "C1'"  1 
ATOM   103 N N9     . DG A 1 4  ? 0.990   2.152   3.607  1.00 0.24 ? 4  DG A N9     1 
ATOM   104 C C8     . DG A 1 4  ? 1.589   3.335   3.307  1.00 0.25 ? 4  DG A C8     1 
ATOM   105 N N7     . DG A 1 4  ? 2.194   3.427   2.172  1.00 0.23 ? 4  DG A N7     1 
ATOM   106 C C5     . DG A 1 4  ? 1.985   2.155   1.633  1.00 0.23 ? 4  DG A C5     1 
ATOM   107 C C6     . DG A 1 4  ? 2.407   1.616   0.390  1.00 0.25 ? 4  DG A C6     1 
ATOM   108 O O6     . DG A 1 4  ? 3.065   2.160   -0.491 1.00 0.26 ? 4  DG A O6     1 
ATOM   109 N N1     . DG A 1 4  ? 1.988   0.300   0.235  1.00 0.27 ? 4  DG A N1     1 
ATOM   110 C C2     . DG A 1 4  ? 1.256   -0.415  1.161  1.00 0.26 ? 4  DG A C2     1 
ATOM   111 N N2     . DG A 1 4  ? 0.947   -1.670  0.830  1.00 0.30 ? 4  DG A N2     1 
ATOM   112 N N3     . DG A 1 4  ? 0.856   0.085   2.334  1.00 0.24 ? 4  DG A N3     1 
ATOM   113 C C4     . DG A 1 4  ? 1.251   1.369   2.505  1.00 0.23 ? 4  DG A C4     1 
ATOM   114 H "H5'"  . DG A 1 4  ? -2.257  4.628   6.201  1.00 0.29 ? 4  DG A "H5'"  1 
ATOM   115 H "H5''" . DG A 1 4  ? -1.448  4.407   7.766  1.00 0.28 ? 4  DG A "H5''" 1 
ATOM   116 H "H4'"  . DG A 1 4  ? -2.080  2.247   6.710  1.00 0.32 ? 4  DG A "H4'"  1 
ATOM   117 H "H3'"  . DG A 1 4  ? 0.407   2.933   7.852  1.00 0.26 ? 4  DG A "H3'"  1 
ATOM   118 H "H2'"  . DG A 1 4  ? 1.696   2.789   5.965  1.00 0.22 ? 4  DG A "H2'"  1 
ATOM   119 H "H2''" . DG A 1 4  ? 1.600   1.033   6.292  1.00 0.24 ? 4  DG A "H2''" 1 
ATOM   120 H "H1'"  . DG A 1 4  ? -0.057  0.694   4.709  1.00 0.27 ? 4  DG A "H1'"  1 
ATOM   121 H H8     . DG A 1 4  ? 1.571   4.171   4.003  1.00 0.28 ? 4  DG A H8     1 
ATOM   122 H H1     . DG A 1 4  ? 2.247   -0.147  -0.633 1.00 0.31 ? 4  DG A H1     1 
ATOM   123 H H21    . DG A 1 4  ? 1.246   -2.046  -0.058 1.00 0.34 ? 4  DG A H21    1 
ATOM   124 H H22    . DG A 1 4  ? 0.411   -2.242  1.467  1.00 0.30 ? 4  DG A H22    1 
ATOM   125 P P      . DG A 1 5  ? 0.596   0.367   8.970  1.00 0.28 ? 5  DG A P      1 
ATOM   126 O OP1    . DG A 1 5  ? -0.188  0.295   10.224 1.00 0.33 ? 5  DG A OP1    1 
ATOM   127 O OP2    . DG A 1 5  ? 1.894   1.079   8.952  1.00 0.26 ? 5  DG A OP2    1 
ATOM   128 O "O5'"  . DG A 1 5  ? 0.840   -1.135  8.440  1.00 0.27 ? 5  DG A "O5'"  1 
ATOM   129 C "C5'"  . DG A 1 5  ? -0.229  -2.087  8.425  1.00 0.33 ? 5  DG A "C5'"  1 
ATOM   130 C "C4'"  . DG A 1 5  ? 0.139   -3.338  7.640  1.00 0.33 ? 5  DG A "C4'"  1 
ATOM   131 O "O4'"  . DG A 1 5  ? 0.593   -3.003  6.305  1.00 0.29 ? 5  DG A "O4'"  1 
ATOM   132 C "C3'"  . DG A 1 5  ? 1.249   -4.115  8.331  1.00 0.34 ? 5  DG A "C3'"  1 
ATOM   133 O "O3'"  . DG A 1 5  ? 0.909   -5.494  8.469  1.00 0.41 ? 5  DG A "O3'"  1 
ATOM   134 C "C2'"  . DG A 1 5  ? 2.466   -3.925  7.453  1.00 0.29 ? 5  DG A "C2'"  1 
ATOM   135 C "C1'"  . DG A 1 5  ? 1.927   -3.516  6.086  1.00 0.26 ? 5  DG A "C1'"  1 
ATOM   136 N N9     . DG A 1 5  ? 2.767   -2.474  5.435  1.00 0.19 ? 5  DG A N9     1 
ATOM   137 C C8     . DG A 1 5  ? 3.255   -1.308  5.942  1.00 0.17 ? 5  DG A C8     1 
ATOM   138 N N7     . DG A 1 5  ? 3.869   -0.512  5.138  1.00 0.13 ? 5  DG A N7     1 
ATOM   139 C C5     . DG A 1 5  ? 3.805   -1.209  3.934  1.00 0.12 ? 5  DG A C5     1 
ATOM   140 C C6     . DG A 1 5  ? 4.308   -0.850  2.656  1.00 0.12 ? 5  DG A C6     1 
ATOM   141 O O6     . DG A 1 5  ? 4.900   0.176   2.331  1.00 0.13 ? 5  DG A O6     1 
ATOM   142 N N1     . DG A 1 5  ? 4.044   -1.826  1.709  1.00 0.14 ? 5  DG A N1     1 
ATOM   143 C C2     . DG A 1 5  ? 3.373   -3.007  1.949  1.00 0.17 ? 5  DG A C2     1 
ATOM   144 N N2     . DG A 1 5  ? 3.230   -3.819  0.900  1.00 0.20 ? 5  DG A N2     1 
ATOM   145 N N3     . DG A 1 5  ? 2.888   -3.356  3.151  1.00 0.18 ? 5  DG A N3     1 
ATOM   146 C C4     . DG A 1 5  ? 3.137   -2.417  4.098  1.00 0.16 ? 5  DG A C4     1 
ATOM   147 H "H5'"  . DG A 1 5  ? -1.110  -1.638  7.969  1.00 0.36 ? 5  DG A "H5'"  1 
ATOM   148 H "H5''" . DG A 1 5  ? -0.467  -2.370  9.451  1.00 0.36 ? 5  DG A "H5''" 1 
ATOM   149 H "H4'"  . DG A 1 5  ? -0.742  -3.967  7.556  1.00 0.38 ? 5  DG A "H4'"  1 
ATOM   150 H "H3'"  . DG A 1 5  ? 1.434   -3.685  9.321  1.00 0.34 ? 5  DG A "H3'"  1 
ATOM   151 H "H2'"  . DG A 1 5  ? 3.105   -3.147  7.861  1.00 0.26 ? 5  DG A "H2'"  1 
ATOM   152 H "H2''" . DG A 1 5  ? 3.022   -4.866  7.372  1.00 0.33 ? 5  DG A "H2''" 1 
ATOM   153 H "H1'"  . DG A 1 5  ? 1.871   -4.392  5.445  1.00 0.29 ? 5  DG A "H1'"  1 
ATOM   154 H H8     . DG A 1 5  ? 3.143   -1.057  6.993  1.00 0.20 ? 5  DG A H8     1 
ATOM   155 H H1     . DG A 1 5  ? 4.384   -1.640  0.776  1.00 0.17 ? 5  DG A H1     1 
ATOM   156 H H21    . DG A 1 5  ? 3.597   -3.550  -0.002 1.00 0.21 ? 5  DG A H21    1 
ATOM   157 H H22    . DG A 1 5  ? 2.757   -4.705  1.008  1.00 0.23 ? 5  DG A H22    1 
ATOM   158 P P      . DT A 1 6  ? 1.495   -6.341  9.708  1.00 0.46 ? 6  DT A P      1 
ATOM   159 O OP1    . DT A 1 6  ? 0.378   -6.640  10.632 1.00 0.51 ? 6  DT A OP1    1 
ATOM   160 O OP2    . DT A 1 6  ? 2.707   -5.655  10.212 1.00 0.44 ? 6  DT A OP2    1 
ATOM   161 O "O5'"  . DT A 1 6  ? 1.944   -7.711  9.005  1.00 0.50 ? 6  DT A "O5'"  1 
ATOM   162 C "C5'"  . DT A 1 6  ? 3.316   -8.107  8.964  1.00 0.51 ? 6  DT A "C5'"  1 
ATOM   163 C "C4'"  . DT A 1 6  ? 3.522   -9.224  7.960  1.00 0.54 ? 6  DT A "C4'"  1 
ATOM   164 O "O4'"  . DT A 1 6  ? 2.373   -10.119 7.888  1.00 0.60 ? 6  DT A "O4'"  1 
ATOM   165 C "C3'"  . DT A 1 6  ? 3.709   -8.658  6.599  1.00 0.47 ? 6  DT A "C3'"  1 
ATOM   166 O "O3'"  . DT A 1 6  ? 4.698   -9.405  5.873  1.00 0.49 ? 6  DT A "O3'"  1 
ATOM   167 C "C2'"  . DT A 1 6  ? 2.372   -8.735  5.945  1.00 0.48 ? 6  DT A "C2'"  1 
ATOM   168 C "C1'"  . DT A 1 6  ? 1.716   -9.947  6.592  1.00 0.57 ? 6  DT A "C1'"  1 
ATOM   169 N N1     . DT A 1 6  ? 0.243   -9.761  6.731  1.00 0.60 ? 6  DT A N1     1 
ATOM   170 C C2     . DT A 1 6  ? -0.578  -10.724 6.169  1.00 0.68 ? 6  DT A C2     1 
ATOM   171 O O2     . DT A 1 6  ? -0.132  -11.728 5.614  1.00 0.72 ? 6  DT A O2     1 
ATOM   172 N N3     . DT A 1 6  ? -1.941  -10.494 6.266  1.00 0.72 ? 6  DT A N3     1 
ATOM   173 C C4     . DT A 1 6  ? -2.546  -9.402  6.865  1.00 0.69 ? 6  DT A C4     1 
ATOM   174 O O4     . DT A 1 6  ? -3.771  -9.300  6.891  1.00 0.75 ? 6  DT A O4     1 
ATOM   175 C C5     . DT A 1 6  ? -1.613  -8.450  7.423  1.00 0.61 ? 6  DT A C5     1 
ATOM   176 C C7     . DT A 1 6  ? -2.133  -7.168  8.081  1.00 0.59 ? 6  DT A C7     1 
ATOM   177 C C6     . DT A 1 6  ? -0.285  -8.655  7.347  1.00 0.57 ? 6  DT A C6     1 
ATOM   178 H "H5'"  . DT A 1 6  ? 3.630   -8.449  9.957  1.00 0.57 ? 6  DT A "H5'"  1 
ATOM   179 H "H5''" . DT A 1 6  ? 3.936   -7.257  8.662  1.00 0.45 ? 6  DT A "H5''" 1 
ATOM   180 H "H4'"  . DT A 1 6  ? 4.418   -9.760  8.218  1.00 0.59 ? 6  DT A "H4'"  1 
ATOM   181 H "H3'"  . DT A 1 6  ? 3.999   -7.647  6.720  1.00 0.41 ? 6  DT A "H3'"  1 
ATOM   182 H "H2'"  . DT A 1 6  ? 1.797   -7.825  6.132  1.00 0.44 ? 6  DT A "H2'"  1 
ATOM   183 H "H2''" . DT A 1 6  ? 2.501   -8.876  4.873  1.00 0.47 ? 6  DT A "H2''" 1 
ATOM   184 H "H1'"  . DT A 1 6  ? 1.911   -10.825 5.978  1.00 0.61 ? 6  DT A "H1'"  1 
ATOM   185 H H3     . DT A 1 6  ? -2.551  -11.190 5.863  1.00 0.78 ? 6  DT A H3     1 
ATOM   186 H H71    . DT A 1 6  ? -1.765  -6.300  7.529  1.00 1.10 ? 6  DT A H71    1 
ATOM   187 H H72    . DT A 1 6  ? -1.778  -7.115  9.110  1.00 1.30 ? 6  DT A H72    1 
ATOM   188 H H73    . DT A 1 6  ? -3.222  -7.166  8.071  1.00 1.12 ? 6  DT A H73    1 
ATOM   189 H H6     . DT A 1 6  ? 0.376   -7.938  7.806  1.00 0.52 ? 6  DT A H6     1 
HETATM 190 P P      . P  A 1 7  ? 5.520   -8.750  4.655  1.00 0.45 ? 7  P  A P      1 
HETATM 191 O OP1    . P  A 1 7  ? 6.012   -9.845  3.788  1.00 0.73 ? 7  P  A OP1    1 
HETATM 192 O OP2    . P  A 1 7  ? 6.473   -7.766  5.214  1.00 0.87 ? 7  P  A OP2    1 
HETATM 193 O "O5'"  . P  A 1 7  ? 4.373   -7.951  3.862  1.00 0.55 ? 7  P  A "O5'"  1 
HETATM 194 C "C5'"  . P  A 1 7  ? 4.093   -8.204  2.481  1.00 0.37 ? 7  P  A "C5'"  1 
HETATM 195 C "C4'"  . P  A 1 7  ? 4.798   -7.179  1.575  1.00 0.26 ? 7  P  A "C4'"  1 
HETATM 196 O "O4'"  . P  A 1 7  ? 4.608   -5.845  2.129  1.00 0.22 ? 7  P  A "O4'"  1 
HETATM 197 C "C3'"  . P  A 1 7  ? 6.320   -7.378  1.463  1.00 0.24 ? 7  P  A "C3'"  1 
HETATM 198 O "O3'"  . P  A 1 7  ? 6.763   -6.989  0.159  1.00 0.22 ? 7  P  A "O3'"  1 
HETATM 199 C "C2'"  . P  A 1 7  ? 6.869   -6.435  2.490  1.00 0.23 ? 7  P  A "C2'"  1 
HETATM 200 C "C1'"  . P  A 1 7  ? 5.900   -5.286  2.483  1.00 0.18 ? 7  P  A "C1'"  1 
HETATM 201 N N9     . P  A 1 7  ? 5.894   -4.585  3.783  1.00 0.18 ? 7  P  A N9     1 
HETATM 202 C C8     . P  A 1 7  ? 5.504   -5.010  5.006  1.00 0.23 ? 7  P  A C8     1 
HETATM 203 N N7     . P  A 1 7  ? 5.632   -4.189  5.991  1.00 0.24 ? 7  P  A N7     1 
HETATM 204 C C5     . P  A 1 7  ? 6.181   -3.066  5.360  1.00 0.20 ? 7  P  A C5     1 
HETATM 205 C C6     . P  A 1 7  ? 6.557   -1.816  5.920  1.00 0.21 ? 7  P  A C6     1 
HETATM 206 O O6     . P  A 1 7  ? 6.467   -1.471  7.097  1.00 0.25 ? 7  P  A O6     1 
HETATM 207 N N1     . P  A 1 7  ? 7.078   -0.925  4.979  1.00 0.21 ? 7  P  A N1     1 
HETATM 208 C C2     . P  A 1 7  ? 7.211   -1.291  3.540  1.00 0.19 ? 7  P  A C2     1 
HETATM 209 N N2     . P  A 1 7  ? 7.741   -0.354  2.662  1.00 0.24 ? 7  P  A N2     1 
HETATM 210 N N3     . P  A 1 7  ? 6.839   -2.482  3.070  1.00 0.17 ? 7  P  A N3     1 
HETATM 211 C C4     . P  A 1 7  ? 6.344   -3.305  4.010  1.00 0.17 ? 7  P  A C4     1 
HETATM 212 C C6A    . P  A 1 7  ? 7.999   1.034   3.090  1.00 0.32 ? 7  P  A C6A    1 
HETATM 213 C C7A    . P  A 1 7  ? 8.539   1.033   4.511  1.00 0.62 ? 7  P  A C7A    1 
HETATM 214 C C8A    . P  A 1 7  ? 7.506   0.415   5.441  1.00 0.25 ? 7  P  A C8A    1 
HETATM 215 H "H5'"  . P  A 1 7  ? 3.017   -8.113  2.327  1.00 0.35 ? 7  P  A "H5'"  1 
HETATM 216 H "H5''" . P  A 1 7  ? 4.389   -9.221  2.222  1.00 0.49 ? 7  P  A "H5''" 1 
HETATM 217 H "H4'"  . P  A 1 7  ? 4.356   -7.211  0.582  1.00 0.27 ? 7  P  A "H4'"  1 
HETATM 218 H "H3'"  . P  A 1 7  ? 6.628   -8.411  1.671  1.00 0.29 ? 7  P  A "H3'"  1 
HETATM 219 H "H2'"  . P  A 1 7  ? 6.886   -6.911  3.469  1.00 0.27 ? 7  P  A "H2'"  1 
HETATM 220 H "H2''" . P  A 1 7  ? 7.855   -6.089  2.222  1.00 0.23 ? 7  P  A "H2''" 1 
HETATM 221 H "H1'"  . P  A 1 7  ? 6.204   -4.588  1.708  1.00 0.17 ? 7  P  A "H1'"  1 
HETATM 222 H H8     . P  A 1 7  ? 5.129   -6.017  5.158  1.00 0.27 ? 7  P  A H8     1 
HETATM 223 H H2     . P  A 1 7  ? 7.832   -0.601  1.688  1.00 0.25 ? 7  P  A H2     1 
HETATM 224 H H6A1   . P  A 1 7  ? 7.070   1.604   3.053  1.00 0.74 ? 7  P  A H6A1   1 
HETATM 225 H H6A2   . P  A 1 7  ? 8.731   1.488   2.423  1.00 0.69 ? 7  P  A H6A2   1 
HETATM 226 H H7A1   . P  A 1 7  ? 8.744   2.057   4.822  1.00 1.22 ? 7  P  A H7A1   1 
HETATM 227 H H7A2   . P  A 1 7  ? 9.460   0.450   4.549  1.00 1.19 ? 7  P  A H7A2   1 
HETATM 228 H H8A1   . P  A 1 7  ? 6.636   1.069   5.488  1.00 0.40 ? 7  P  A H8A1   1 
HETATM 229 H H8A2   . P  A 1 7  ? 7.939   0.325   6.438  1.00 0.51 ? 7  P  A H8A2   1 
ATOM   230 P P      . DT A 1 8  ? 8.232   -7.369  -0.377 1.00 0.25 ? 8  DT A P      1 
ATOM   231 O OP1    . DT A 1 8  ? 8.093   -8.054  -1.681 1.00 0.26 ? 8  DT A OP1    1 
ATOM   232 O OP2    . DT A 1 8  ? 8.984   -8.015  0.724  1.00 0.29 ? 8  DT A OP2    1 
ATOM   233 O "O5'"  . DT A 1 8  ? 8.869   -5.912  -0.634 1.00 0.25 ? 8  DT A "O5'"  1 
ATOM   234 C "C5'"  . DT A 1 8  ? 8.092   -4.898  -1.282 1.00 0.23 ? 8  DT A "C5'"  1 
ATOM   235 C "C4'"  . DT A 1 8  ? 8.820   -3.558  -1.332 1.00 0.26 ? 8  DT A "C4'"  1 
ATOM   236 O "O4'"  . DT A 1 8  ? 9.029   -3.011  -0.004 1.00 0.27 ? 8  DT A "O4'"  1 
ATOM   237 C "C3'"  . DT A 1 8  ? 10.179  -3.697  -1.984 1.00 0.32 ? 8  DT A "C3'"  1 
ATOM   238 O "O3'"  . DT A 1 8  ? 10.433  -2.603  -2.871 1.00 0.35 ? 8  DT A "O3'"  1 
ATOM   239 C "C2'"  . DT A 1 8  ? 11.130  -3.704  -0.827 1.00 0.35 ? 8  DT A "C2'"  1 
ATOM   240 C "C1'"  . DT A 1 8  ? 10.448  -2.872  0.237  1.00 0.33 ? 8  DT A "C1'"  1 
ATOM   241 N N1     . DT A 1 8  ? 10.806  -3.343  1.591  1.00 0.35 ? 8  DT A N1     1 
ATOM   242 C C2     . DT A 1 8  ? 11.566  -2.501  2.385  1.00 0.40 ? 8  DT A C2     1 
ATOM   243 O O2     . DT A 1 8  ? 11.937  -1.393  2.002  1.00 0.42 ? 8  DT A O2     1 
ATOM   244 N N3     . DT A 1 8  ? 11.886  -2.980  3.641  1.00 0.43 ? 8  DT A N3     1 
ATOM   245 C C4     . DT A 1 8  ? 11.520  -4.207  4.165  1.00 0.43 ? 8  DT A C4     1 
ATOM   246 O O4     . DT A 1 8  ? 11.864  -4.531  5.299  1.00 0.47 ? 8  DT A O4     1 
ATOM   247 C C5     . DT A 1 8  ? 10.729  -5.017  3.265  1.00 0.38 ? 8  DT A C5     1 
ATOM   248 C C7     . DT A 1 8  ? 10.259  -6.399  3.716  1.00 0.39 ? 8  DT A C7     1 
ATOM   249 C C6     . DT A 1 8  ? 10.402  -4.573  2.034  1.00 0.34 ? 8  DT A C6     1 
ATOM   250 H "H5'"  . DT A 1 8  ? 7.155   -4.770  -0.739 1.00 0.19 ? 8  DT A "H5'"  1 
ATOM   251 H "H5''" . DT A 1 8  ? 7.870   -5.220  -2.299 1.00 0.24 ? 8  DT A "H5''" 1 
ATOM   252 H "H4'"  . DT A 1 8  ? 8.233   -2.853  -1.913 1.00 0.26 ? 8  DT A "H4'"  1 
ATOM   253 H "H3'"  . DT A 1 8  ? 10.239  -4.649  -2.521 1.00 0.31 ? 8  DT A "H3'"  1 
ATOM   254 H "H2'"  . DT A 1 8  ? 11.285  -4.723  -0.474 1.00 0.35 ? 8  DT A "H2'"  1 
ATOM   255 H "H2''" . DT A 1 8  ? 12.073  -3.252  -1.114 1.00 0.40 ? 8  DT A "H2''" 1 
ATOM   256 H "H1'"  . DT A 1 8  ? 10.737  -1.826  0.123  1.00 0.36 ? 8  DT A "H1'"  1 
ATOM   257 H H3     . DT A 1 8  ? 12.440  -2.377  4.233  1.00 0.47 ? 8  DT A H3     1 
ATOM   258 H H71    . DT A 1 8  ? 10.541  -7.141  2.968  1.00 1.13 ? 8  DT A H71    1 
ATOM   259 H H72    . DT A 1 8  ? 9.177   -6.393  3.834  1.00 0.95 ? 8  DT A H72    1 
ATOM   260 H H73    . DT A 1 8  ? 10.726  -6.647  4.669  1.00 1.03 ? 8  DT A H73    1 
ATOM   261 H H6     . DT A 1 8  ? 9.802   -5.205  1.376  1.00 0.31 ? 8  DT A H6     1 
ATOM   262 P P      . DC A 1 9  ? 11.210  -2.850  -4.257 1.00 0.40 ? 9  DC A P      1 
ATOM   263 O OP1    . DC A 1 9  ? 12.502  -3.505  -3.955 1.00 0.43 ? 9  DC A OP1    1 
ATOM   264 O OP2    . DC A 1 9  ? 11.183  -1.588  -5.033 1.00 0.44 ? 9  DC A OP2    1 
ATOM   265 O "O5'"  . DC A 1 9  ? 10.258  -3.922  -4.994 1.00 0.36 ? 9  DC A "O5'"  1 
ATOM   266 C "C5'"  . DC A 1 9  ? 9.139   -3.498  -5.783 1.00 0.36 ? 9  DC A "C5'"  1 
ATOM   267 C "C4'"  . DC A 1 9  ? 7.845   -4.205  -5.358 1.00 0.30 ? 9  DC A "C4'"  1 
ATOM   268 O "O4'"  . DC A 1 9  ? 7.497   -3.890  -3.980 1.00 0.26 ? 9  DC A "O4'"  1 
ATOM   269 C "C3'"  . DC A 1 9  ? 6.665   -3.787  -6.222 1.00 0.31 ? 9  DC A "C3'"  1 
ATOM   270 O "O3'"  . DC A 1 9  ? 5.832   -4.914  -6.534 1.00 0.29 ? 9  DC A "O3'"  1 
ATOM   271 C "C2'"  . DC A 1 9  ? 5.939   -2.801  -5.367 1.00 0.30 ? 9  DC A "C2'"  1 
ATOM   272 C "C1'"  . DC A 1 9  ? 6.197   -3.256  -3.950 1.00 0.25 ? 9  DC A "C1'"  1 
ATOM   273 N N1     . DC A 1 9  ? 6.161   -2.131  -2.982 1.00 0.24 ? 9  DC A N1     1 
ATOM   274 C C2     . DC A 1 9  ? 5.410   -2.307  -1.820 1.00 0.20 ? 9  DC A C2     1 
ATOM   275 O O2     . DC A 1 9  ? 4.779   -3.349  -1.633 1.00 0.17 ? 9  DC A O2     1 
ATOM   276 N N3     . DC A 1 9  ? 5.389   -1.300  -0.905 1.00 0.19 ? 9  DC A N3     1 
ATOM   277 C C4     . DC A 1 9  ? 6.069   -0.165  -1.114 1.00 0.23 ? 9  DC A C4     1 
ATOM   278 N N4     . DC A 1 9  ? 6.027   0.801   -0.195 1.00 0.23 ? 9  DC A N4     1 
ATOM   279 C C5     . DC A 1 9  ? 6.839   0.025   -2.305 1.00 0.28 ? 9  DC A C5     1 
ATOM   280 C C6     . DC A 1 9  ? 6.858   -0.976  -3.208 1.00 0.29 ? 9  DC A C6     1 
ATOM   281 H "H5'"  . DC A 1 9  ? 9.348   -3.726  -6.829 1.00 0.39 ? 9  DC A "H5'"  1 
ATOM   282 H "H5''" . DC A 1 9  ? 9.009   -2.421  -5.673 1.00 0.37 ? 9  DC A "H5''" 1 
ATOM   283 H "H4'"  . DC A 1 9  ? 7.976   -5.272  -5.449 1.00 0.28 ? 9  DC A "H4'"  1 
ATOM   284 H "H3'"  . DC A 1 9  ? 7.010   -3.302  -7.137 1.00 0.35 ? 9  DC A "H3'"  1 
ATOM   285 H "H2'"  . DC A 1 9  ? 6.347   -1.809  -5.527 1.00 0.33 ? 9  DC A "H2'"  1 
ATOM   286 H "H2''" . DC A 1 9  ? 4.885   -2.822  -5.585 1.00 0.30 ? 9  DC A "H2''" 1 
ATOM   287 H "H1'"  . DC A 1 9  ? 5.440   -3.990  -3.675 1.00 0.23 ? 9  DC A "H1'"  1 
ATOM   288 H H41    . DC A 1 9  ? 5.487   0.672   0.649  1.00 0.20 ? 9  DC A H41    1 
ATOM   289 H H42    . DC A 1 9  ? 6.536   1.660   -0.342 1.00 0.26 ? 9  DC A H42    1 
ATOM   290 H H5     . DC A 1 9  ? 7.392   0.948   -2.478 1.00 0.32 ? 9  DC A H5     1 
ATOM   291 H H6     . DC A 1 9  ? 7.430   -0.859  -4.128 1.00 0.33 ? 9  DC A H6     1 
ATOM   292 P P      . DC A 1 10 ? 4.882   -4.916  -7.840 1.00 0.33 ? 10 DC A P      1 
ATOM   293 O OP1    . DC A 1 10 ? 5.107   -6.183  -8.572 1.00 0.35 ? 10 DC A OP1    1 
ATOM   294 O OP2    . DC A 1 10 ? 5.051   -3.622  -8.540 1.00 0.37 ? 10 DC A OP2    1 
ATOM   295 O "O5'"  . DC A 1 10 ? 3.398   -4.955  -7.209 1.00 0.30 ? 10 DC A "O5'"  1 
ATOM   296 C "C5'"  . DC A 1 10 ? 2.872   -6.157  -6.630 1.00 0.27 ? 10 DC A "C5'"  1 
ATOM   297 C "C4'"  . DC A 1 10 ? 1.846   -5.850  -5.535 1.00 0.27 ? 10 DC A "C4'"  1 
ATOM   298 O "O4'"  . DC A 1 10 ? 2.368   -4.901  -4.562 1.00 0.28 ? 10 DC A "O4'"  1 
ATOM   299 C "C3'"  . DC A 1 10 ? 0.566   -5.247  -6.109 1.00 0.27 ? 10 DC A "C3'"  1 
ATOM   300 O "O3'"  . DC A 1 10 ? -0.577  -6.001  -5.696 1.00 0.26 ? 10 DC A "O3'"  1 
ATOM   301 C "C2'"  . DC A 1 10 ? 0.509   -3.849  -5.561 1.00 0.28 ? 10 DC A "C2'"  1 
ATOM   302 C "C1'"  . DC A 1 10 ? 1.368   -3.884  -4.317 1.00 0.28 ? 10 DC A "C1'"  1 
ATOM   303 N N1     . DC A 1 10 ? 1.980   -2.561  -4.010 1.00 0.28 ? 10 DC A N1     1 
ATOM   304 C C2     . DC A 1 10 ? 1.916   -2.116  -2.692 1.00 0.28 ? 10 DC A C2     1 
ATOM   305 O O2     . DC A 1 10 ? 1.354   -2.791  -1.834 1.00 0.26 ? 10 DC A O2     1 
ATOM   306 N N3     . DC A 1 10 ? 2.491   -0.920  -2.387 1.00 0.28 ? 10 DC A N3     1 
ATOM   307 C C4     . DC A 1 10 ? 3.108   -0.189  -3.322 1.00 0.30 ? 10 DC A C4     1 
ATOM   308 N N4     . DC A 1 10 ? 3.671   0.971   -2.987 1.00 0.31 ? 10 DC A N4     1 
ATOM   309 C C5     . DC A 1 10 ? 3.175   -0.636  -4.674 1.00 0.31 ? 10 DC A C5     1 
ATOM   310 C C6     . DC A 1 10 ? 2.600   -1.815  -4.975 1.00 0.30 ? 10 DC A C6     1 
ATOM   311 H "H5'"  . DC A 1 10 ? 3.690   -6.739  -6.200 1.00 0.27 ? 10 DC A "H5'"  1 
ATOM   312 H "H5''" . DC A 1 10 ? 2.392   -6.755  -7.412 1.00 0.27 ? 10 DC A "H5''" 1 
ATOM   313 H "H4'"  . DC A 1 10 ? 1.595   -6.772  -5.020 1.00 0.26 ? 10 DC A "H4'"  1 
ATOM   314 H "H3'"  . DC A 1 10 ? 0.626   -5.216  -7.200 1.00 0.27 ? 10 DC A "H3'"  1 
ATOM   315 H "H2'"  . DC A 1 10 ? 0.915   -3.155  -6.288 1.00 0.29 ? 10 DC A "H2'"  1 
ATOM   316 H "H2''" . DC A 1 10 ? -0.514  -3.578  -5.308 1.00 0.28 ? 10 DC A "H2''" 1 
ATOM   317 H "H1'"  . DC A 1 10 ? 0.747   -4.197  -3.477 1.00 0.27 ? 10 DC A "H1'"  1 
ATOM   318 H H41    . DC A 1 10 ? 3.628   1.297   -2.032 1.00 0.31 ? 10 DC A H41    1 
ATOM   319 H H42    . DC A 1 10 ? 4.141   1.525   -3.688 1.00 0.32 ? 10 DC A H42    1 
ATOM   320 H H5     . DC A 1 10 ? 3.675   -0.043  -5.440 1.00 0.32 ? 10 DC A H5     1 
ATOM   321 H H6     . DC A 1 10 ? 2.606   -2.157  -5.999 1.00 0.31 ? 10 DC A H6     1 
ATOM   322 P P      . DG A 1 11 ? -1.991  -5.853  -6.453 1.00 0.26 ? 11 DG A P      1 
ATOM   323 O OP1    . DG A 1 11 ? -2.425  -7.196  -6.896 1.00 0.29 ? 11 DG A OP1    1 
ATOM   324 O OP2    . DG A 1 11 ? -1.888  -4.748  -7.432 1.00 0.25 ? 11 DG A OP2    1 
ATOM   325 O "O5'"  . DG A 1 11 ? -2.957  -5.377  -5.255 1.00 0.25 ? 11 DG A "O5'"  1 
ATOM   326 C "C5'"  . DG A 1 11 ? -3.062  -6.166  -4.065 1.00 0.30 ? 11 DG A "C5'"  1 
ATOM   327 C "C4'"  . DG A 1 11 ? -3.887  -5.470  -2.985 1.00 0.34 ? 11 DG A "C4'"  1 
ATOM   328 O "O4'"  . DG A 1 11 ? -3.239  -4.248  -2.541 1.00 0.35 ? 11 DG A "O4'"  1 
ATOM   329 C "C3'"  . DG A 1 11 ? -5.260  -5.076  -3.497 1.00 0.31 ? 11 DG A "C3'"  1 
ATOM   330 O "O3'"  . DG A 1 11 ? -6.266  -5.249  -2.495 1.00 0.38 ? 11 DG A "O3'"  1 
ATOM   331 C "C2'"  . DG A 1 11 ? -5.110  -3.640  -3.840 1.00 0.28 ? 11 DG A "C2'"  1 
ATOM   332 C "C1'"  . DG A 1 11 ? -4.090  -3.120  -2.857 1.00 0.31 ? 11 DG A "C1'"  1 
ATOM   333 N N9     . DG A 1 11 ? -3.318  -2.008  -3.436 1.00 0.26 ? 11 DG A N9     1 
ATOM   334 C C8     . DG A 1 11 ? -2.665  -1.934  -4.621 1.00 0.23 ? 11 DG A C8     1 
ATOM   335 N N7     . DG A 1 11 ? -2.059  -0.829  -4.904 1.00 0.20 ? 11 DG A N7     1 
ATOM   336 C C5     . DG A 1 11 ? -2.337  -0.056  -3.771 1.00 0.21 ? 11 DG A C5     1 
ATOM   337 C C6     . DG A 1 11 ? -1.952  1.276   -3.461 1.00 0.21 ? 11 DG A C6     1 
ATOM   338 O O6     . DG A 1 11 ? -1.281  2.055   -4.137 1.00 0.20 ? 11 DG A O6     1 
ATOM   339 N N1     . DG A 1 11 ? -2.442  1.670   -2.221 1.00 0.24 ? 11 DG A N1     1 
ATOM   340 C C2     . DG A 1 11 ? -3.209  0.885   -1.381 1.00 0.27 ? 11 DG A C2     1 
ATOM   341 N N2     . DG A 1 11 ? -3.592  1.441   -0.233 1.00 0.31 ? 11 DG A N2     1 
ATOM   342 N N3     . DG A 1 11 ? -3.574  -0.366  -1.668 1.00 0.28 ? 11 DG A N3     1 
ATOM   343 C C4     . DG A 1 11 ? -3.108  -0.772  -2.869 1.00 0.24 ? 11 DG A C4     1 
ATOM   344 H "H5'"  . DG A 1 11 ? -2.061  -6.357  -3.677 1.00 0.33 ? 11 DG A "H5'"  1 
ATOM   345 H "H5''" . DG A 1 11 ? -3.528  -7.113  -4.313 1.00 0.28 ? 11 DG A "H5''" 1 
ATOM   346 H "H4'"  . DG A 1 11 ? -4.004  -6.131  -2.139 1.00 0.39 ? 11 DG A "H4'"  1 
ATOM   347 H "H3'"  . DG A 1 11 ? -5.507  -5.653  -4.391 1.00 0.28 ? 11 DG A "H3'"  1 
ATOM   348 H "H2'"  . DG A 1 11 ? -4.741  -3.541  -4.856 1.00 0.23 ? 11 DG A "H2'"  1 
ATOM   349 H "H2''" . DG A 1 11 ? -6.055  -3.125  -3.718 1.00 0.29 ? 11 DG A "H2''" 1 
ATOM   350 H "H1'"  . DG A 1 11 ? -4.597  -2.785  -1.952 1.00 0.35 ? 11 DG A "H1'"  1 
ATOM   351 H H8     . DG A 1 11 ? -2.658  -2.777  -5.313 1.00 0.25 ? 11 DG A H8     1 
ATOM   352 H H1     . DG A 1 11 ? -2.202  2.607   -1.928 1.00 0.26 ? 11 DG A H1     1 
ATOM   353 H H21    . DG A 1 11 ? -3.316  2.388   -0.014 1.00 0.32 ? 11 DG A H21    1 
ATOM   354 H H22    . DG A 1 11 ? -4.160  0.917   0.417  1.00 0.34 ? 11 DG A H22    1 
ATOM   355 P P      . DC A 1 12 ? -7.828  -5.131  -2.875 1.00 0.40 ? 12 DC A P      1 
ATOM   356 O OP1    . DC A 1 12 ? -8.548  -6.257  -2.236 1.00 0.46 ? 12 DC A OP1    1 
ATOM   357 O OP2    . DC A 1 12 ? -7.946  -4.911  -4.334 1.00 0.34 ? 12 DC A OP2    1 
ATOM   358 O "O5'"  . DC A 1 12 ? -8.248  -3.767  -2.121 1.00 0.43 ? 12 DC A "O5'"  1 
ATOM   359 C "C5'"  . DC A 1 12 ? -8.198  -3.710  -0.694 1.00 0.49 ? 12 DC A "C5'"  1 
ATOM   360 C "C4'"  . DC A 1 12 ? -8.436  -2.304  -0.136 1.00 0.50 ? 12 DC A "C4'"  1 
ATOM   361 O "O4'"  . DC A 1 12 ? -7.374  -1.392  -0.515 1.00 0.44 ? 12 DC A "O4'"  1 
ATOM   362 C "C3'"  . DC A 1 12 ? -9.755  -1.702  -0.617 1.00 0.51 ? 12 DC A "C3'"  1 
ATOM   363 O "O3'"  . DC A 1 12 ? -10.522 -1.176  0.475  1.00 0.58 ? 12 DC A "O3'"  1 
ATOM   364 C "C2'"  . DC A 1 12 ? -9.350  -0.614  -1.568 1.00 0.45 ? 12 DC A "C2'"  1 
ATOM   365 C "C1'"  . DC A 1 12 ? -7.946  -0.223  -1.140 1.00 0.41 ? 12 DC A "C1'"  1 
ATOM   366 N N1     . DC A 1 12 ? -7.132  0.229   -2.290 1.00 0.32 ? 12 DC A N1     1 
ATOM   367 C C2     . DC A 1 12 ? -6.470  1.443   -2.166 1.00 0.28 ? 12 DC A C2     1 
ATOM   368 O O2     . DC A 1 12 ? -6.593  2.114   -1.144 1.00 0.30 ? 12 DC A O2     1 
ATOM   369 N N3     . DC A 1 12 ? -5.695  1.862   -3.202 1.00 0.21 ? 12 DC A N3     1 
ATOM   370 C C4     . DC A 1 12 ? -5.569  1.125   -4.313 1.00 0.18 ? 12 DC A C4     1 
ATOM   371 N N4     . DC A 1 12 ? -4.796  1.563   -5.308 1.00 0.14 ? 12 DC A N4     1 
ATOM   372 C C5     . DC A 1 12 ? -6.252  -0.125  -4.445 1.00 0.23 ? 12 DC A C5     1 
ATOM   373 C C6     . DC A 1 12 ? -7.019  -0.530  -3.415 1.00 0.30 ? 12 DC A C6     1 
ATOM   374 H "H5'"  . DC A 1 12 ? -7.217  -4.054  -0.365 1.00 0.49 ? 12 DC A "H5'"  1 
ATOM   375 H "H5''" . DC A 1 12 ? -8.954  -4.378  -0.296 1.00 0.53 ? 12 DC A "H5''" 1 
ATOM   376 H "H4'"  . DC A 1 12 ? -8.462  -2.366  0.951  1.00 0.55 ? 12 DC A "H4'"  1 
ATOM   377 H "H3'"  . DC A 1 12 ? -10.329 -2.459  -1.154 1.00 0.52 ? 12 DC A "H3'"  1 
ATOM   378 H "H2'"  . DC A 1 12 ? -9.359  -0.992  -2.585 1.00 0.42 ? 12 DC A "H2'"  1 
ATOM   379 H "H2''" . DC A 1 12 ? -10.017 0.237   -1.484 1.00 0.47 ? 12 DC A "H2''" 1 
ATOM   380 H "H1'"  . DC A 1 12 ? -8.000  0.576   -0.400 1.00 0.43 ? 12 DC A "H1'"  1 
ATOM   381 H H41    . DC A 1 12 ? -4.312  2.445   -5.221 1.00 0.13 ? 12 DC A H41    1 
ATOM   382 H H42    . DC A 1 12 ? -4.696  1.013   -6.149 1.00 0.13 ? 12 DC A H42    1 
ATOM   383 H H5     . DC A 1 12 ? -6.153  -0.729  -5.347 1.00 0.21 ? 12 DC A H5     1 
ATOM   384 H H6     . DC A 1 12 ? -7.575  -1.460  -3.490 1.00 0.34 ? 12 DC A H6     1 
ATOM   385 P P      . DG A 1 13 ? -12.101 -0.886  0.310  1.00 0.63 ? 13 DG A P      1 
ATOM   386 O OP1    . DG A 1 13 ? -12.815 -1.569  1.412  1.00 0.70 ? 13 DG A OP1    1 
ATOM   387 O OP2    . DG A 1 13 ? -12.483 -1.160  -1.095 1.00 0.60 ? 13 DG A OP2    1 
ATOM   388 O "O5'"  . DG A 1 13 ? -12.199 0.703   0.554  1.00 0.66 ? 13 DG A "O5'"  1 
ATOM   389 C "C5'"  . DG A 1 13 ? -11.969 1.253   1.854  1.00 0.73 ? 13 DG A "C5'"  1 
ATOM   390 C "C4'"  . DG A 1 13 ? -11.877 2.779   1.819  1.00 0.74 ? 13 DG A "C4'"  1 
ATOM   391 O "O4'"  . DG A 1 13 ? -10.874 3.212   0.865  1.00 0.63 ? 13 DG A "O4'"  1 
ATOM   392 C "C3'"  . DG A 1 13 ? -13.197 3.408   1.392  1.00 0.81 ? 13 DG A "C3'"  1 
ATOM   393 O "O3'"  . DG A 1 13 ? -13.452 4.610   2.128  1.00 0.88 ? 13 DG A "O3'"  1 
ATOM   394 C "C2'"  . DG A 1 13 ? -13.000 3.704   -0.066 1.00 0.74 ? 13 DG A "C2'"  1 
ATOM   395 C "C1'"  . DG A 1 13 ? -11.509 3.966   -0.196 1.00 0.63 ? 13 DG A "C1'"  1 
ATOM   396 N N9     . DG A 1 13 ? -10.957 3.580   -1.522 1.00 0.54 ? 13 DG A N9     1 
ATOM   397 C C8     . DG A 1 13 ? -11.266 2.544   -2.358 1.00 0.54 ? 13 DG A C8     1 
ATOM   398 N N7     . DG A 1 13 ? -10.564 2.416   -3.434 1.00 0.48 ? 13 DG A N7     1 
ATOM   399 C C5     . DG A 1 13 ? -9.675  3.488   -3.328 1.00 0.43 ? 13 DG A C5     1 
ATOM   400 C C6     . DG A 1 13 ? -8.637  3.897   -4.208 1.00 0.40 ? 13 DG A C6     1 
ATOM   401 O O6     . DG A 1 13 ? -8.285  3.379   -5.264 1.00 0.41 ? 13 DG A O6     1 
ATOM   402 N N1     . DG A 1 13 ? -7.980  5.026   -3.735 1.00 0.38 ? 13 DG A N1     1 
ATOM   403 C C2     . DG A 1 13 ? -8.279  5.685   -2.560 1.00 0.38 ? 13 DG A C2     1 
ATOM   404 N N2     . DG A 1 13 ? -7.537  6.758   -2.280 1.00 0.37 ? 13 DG A N2     1 
ATOM   405 N N3     . DG A 1 13 ? -9.251  5.305   -1.725 1.00 0.43 ? 13 DG A N3     1 
ATOM   406 C C4     . DG A 1 13 ? -9.908  4.206   -2.165 1.00 0.46 ? 13 DG A C4     1 
ATOM   407 H "H5'"  . DG A 1 13 ? -11.034 0.852   2.247  1.00 0.70 ? 13 DG A "H5'"  1 
ATOM   408 H "H5''" . DG A 1 13 ? -12.785 0.961   2.515  1.00 0.81 ? 13 DG A "H5''" 1 
ATOM   409 H "H4'"  . DG A 1 13 ? -11.607 3.145   2.808  1.00 0.79 ? 13 DG A "H4'"  1 
ATOM   410 H "H3'"  . DG A 1 13 ? -14.015 2.696   1.525  1.00 0.86 ? 13 DG A "H3'"  1 
ATOM   411 H "HO3'" . DG A 1 13 ? -13.451 4.378   3.060  1.00 1.19 ? 13 DG A "HO3'" 1 
ATOM   412 H "H2'"  . DG A 1 13 ? -13.302 2.847   -0.658 1.00 0.72 ? 13 DG A "H2'"  1 
ATOM   413 H "H2''" . DG A 1 13 ? -13.569 4.586   -0.359 1.00 0.79 ? 13 DG A "H2''" 1 
ATOM   414 H "H1'"  . DG A 1 13 ? -11.324 5.029   -0.030 1.00 0.64 ? 13 DG A "H1'"  1 
ATOM   415 H H8     . DG A 1 13 ? -12.080 1.852   -2.140 1.00 0.61 ? 13 DG A H8     1 
ATOM   416 H H1     . DG A 1 13 ? -7.240  5.384   -4.320 1.00 0.39 ? 13 DG A H1     1 
ATOM   417 H H21    . DG A 1 13 ? -6.807  7.046   -2.914 1.00 0.37 ? 13 DG A H21    1 
ATOM   418 H H22    . DG A 1 13 ? -7.709  7.285   -1.435 1.00 0.38 ? 13 DG A H22    1 
# 
